data_8SCW
#
_entry.id   8SCW
#
_cell.length_a   135.286
_cell.length_b   140.394
_cell.length_c   85.915
_cell.angle_alpha   90.00
_cell.angle_beta   126.60
_cell.angle_gamma   90.00
#
_symmetry.space_group_name_H-M   'C 1 2 1'
#
loop_
_entity.id
_entity.type
_entity.pdbx_description
1 polymer 'Interleukin-1 receptor-associated kinase 4'
2 non-polymer 'SULFATE ION'
3 non-polymer (6M)-6-(5-cyano-1H-pyrazolo[3,4-b]pyridin-1-yl)-N-[(2R)-2-fluoro-3-hydroxy-3-methylbutyl]-4-[(propan-2-yl)amino]pyridine-3-carboxamide
4 water water
#
_entity_poly.entity_id   1
_entity_poly.type   'polypeptide(L)'
_entity_poly.pdbx_seq_one_letter_code
;GAMGVSDTRFHSFSFYELKNVTNNFDERPISVGGNKMGEGGFGVVYKGYVNNTTVAVKKLAAMVDITTEELKQQFDQEIK
VMAKCQHENLVELLGFSSDGDDLCLVYVYMPNGSLLDRLSCLDGTPPLSWHMRCKIAQGAANGINFLHENHHIHRDIKSA
NILLDEAFTAKISDFGLARASEKFAQ(TPO)VM(TPO)(SEP)RIVGTTAYMAPEALRGEITPKSDIYSFGVVLLEIITG
LPAVDEHREPQLLLDIKEEIEDEEKTIEDYIDKKMNDADSTSVEAMYSVASQCLHEKKNKRPDIKKVQQLLQEMTAS
;
_entity_poly.pdbx_strand_id   A,B,C,D
#
loop_
_chem_comp.id
_chem_comp.type
_chem_comp.name
_chem_comp.formula
SO4 non-polymer 'SULFATE ION' 'O4 S -2'
ZVA non-polymer (6M)-6-(5-cyano-1H-pyrazolo[3,4-b]pyridin-1-yl)-N-[(2R)-2-fluoro-3-hydroxy-3-methylbutyl]-4-[(propan-2-yl)amino]pyridine-3-carboxamide 'C21 H24 F N7 O2'
#
# COMPACT_ATOMS: atom_id res chain seq x y z
N ARG A 9 24.35 -22.36 -5.32
CA ARG A 9 22.92 -22.04 -5.19
C ARG A 9 22.72 -20.58 -4.74
N PHE A 10 23.42 -20.19 -3.65
CA PHE A 10 23.39 -18.86 -3.04
C PHE A 10 24.76 -18.19 -3.07
N HIS A 11 24.79 -16.86 -3.19
CA HIS A 11 26.02 -16.09 -3.22
C HIS A 11 26.67 -16.01 -1.84
N SER A 12 27.97 -16.34 -1.78
CA SER A 12 28.72 -16.23 -0.54
C SER A 12 29.30 -14.80 -0.42
N PHE A 13 29.00 -14.12 0.66
CA PHE A 13 29.50 -12.77 0.85
C PHE A 13 30.60 -12.76 1.86
N SER A 14 31.39 -11.70 1.83
CA SER A 14 32.40 -11.51 2.83
C SER A 14 31.75 -10.55 3.83
N PHE A 15 31.93 -10.79 5.12
CA PHE A 15 31.33 -9.95 6.14
C PHE A 15 31.52 -8.45 5.94
N TYR A 16 32.67 -8.00 5.37
CA TYR A 16 32.91 -6.57 5.15
C TYR A 16 31.98 -5.99 4.11
N GLU A 17 31.66 -6.75 3.04
CA GLU A 17 30.75 -6.26 2.00
C GLU A 17 29.44 -5.86 2.67
N LEU A 18 28.97 -6.71 3.60
CA LEU A 18 27.73 -6.50 4.32
C LEU A 18 27.76 -5.35 5.31
N LYS A 19 28.96 -5.07 5.86
CA LYS A 19 29.20 -3.91 6.73
C LYS A 19 29.01 -2.67 5.86
N ASN A 20 29.55 -2.70 4.62
CA ASN A 20 29.42 -1.59 3.69
C ASN A 20 27.96 -1.34 3.32
N VAL A 21 27.25 -2.39 2.84
CA VAL A 21 25.85 -2.31 2.40
C VAL A 21 24.85 -1.80 3.44
N THR A 22 25.10 -2.11 4.72
CA THR A 22 24.22 -1.77 5.84
C THR A 22 24.64 -0.53 6.62
N ASN A 23 25.58 0.28 6.07
CA ASN A 23 26.11 1.52 6.68
C ASN A 23 26.72 1.15 8.04
N ASN A 24 27.50 0.06 8.03
CA ASN A 24 28.18 -0.56 9.17
C ASN A 24 27.24 -0.93 10.30
N PHE A 25 26.19 -1.68 9.93
CA PHE A 25 25.13 -2.16 10.80
C PHE A 25 24.53 -1.07 11.71
N ASP A 26 24.14 0.06 11.09
CA ASP A 26 23.52 1.21 11.77
C ASP A 26 22.27 0.75 12.54
N GLU A 27 22.28 0.95 13.87
CA GLU A 27 21.20 0.53 14.75
C GLU A 27 19.99 1.49 14.81
N ARG A 28 20.08 2.65 14.13
CA ARG A 28 18.99 3.62 14.04
C ARG A 28 17.90 3.04 13.11
N PRO A 29 16.60 3.33 13.37
CA PRO A 29 15.55 2.78 12.52
C PRO A 29 15.56 3.35 11.13
N ILE A 30 15.11 2.52 10.17
CA ILE A 30 15.03 2.88 8.75
C ILE A 30 14.14 4.10 8.51
N SER A 31 13.11 4.28 9.36
CA SER A 31 12.15 5.41 9.33
C SER A 31 12.79 6.77 9.59
N VAL A 32 13.95 6.75 10.25
CA VAL A 32 14.74 7.89 10.70
C VAL A 32 15.99 8.08 9.83
N GLY A 33 16.21 7.15 8.90
CA GLY A 33 17.33 7.18 7.96
C GLY A 33 18.42 6.21 8.34
N GLY A 34 18.15 5.36 9.34
CA GLY A 34 19.10 4.36 9.80
C GLY A 34 18.97 3.06 9.04
N ASN A 35 19.51 1.97 9.61
CA ASN A 35 19.44 0.69 8.93
C ASN A 35 18.62 -0.41 9.62
N LYS A 36 18.35 -0.27 10.94
CA LYS A 36 17.61 -1.28 11.70
C LYS A 36 16.14 -1.39 11.29
N MET A 37 15.72 -2.63 10.98
CA MET A 37 14.33 -2.90 10.58
C MET A 37 13.55 -3.62 11.68
N GLY A 38 14.25 -4.40 12.50
CA GLY A 38 13.66 -5.13 13.61
C GLY A 38 14.59 -6.18 14.18
N GLU A 39 14.12 -6.90 15.20
CA GLU A 39 14.91 -7.92 15.89
C GLU A 39 14.12 -9.03 16.53
N GLY A 40 14.64 -10.24 16.39
CA GLY A 40 14.13 -11.47 17.00
C GLY A 40 15.05 -11.91 18.13
N GLY A 41 14.90 -13.16 18.58
CA GLY A 41 15.75 -13.69 19.64
C GLY A 41 17.12 -14.11 19.15
N PHE A 42 17.18 -14.57 17.88
CA PHE A 42 18.41 -15.04 17.24
C PHE A 42 19.13 -14.02 16.32
N GLY A 43 18.68 -12.76 16.32
CA GLY A 43 19.33 -11.71 15.53
C GLY A 43 18.55 -10.44 15.24
N VAL A 44 19.24 -9.47 14.62
CA VAL A 44 18.72 -8.15 14.21
C VAL A 44 18.74 -8.10 12.68
N VAL A 45 17.66 -7.54 12.07
CA VAL A 45 17.52 -7.40 10.62
C VAL A 45 17.78 -5.97 10.19
N TYR A 46 18.70 -5.81 9.22
CA TYR A 46 19.10 -4.51 8.66
C TYR A 46 18.76 -4.37 7.16
N LYS A 47 18.49 -3.13 6.72
CA LYS A 47 18.28 -2.81 5.31
C LYS A 47 19.63 -2.52 4.63
N GLY A 48 19.71 -2.86 3.35
CA GLY A 48 20.90 -2.60 2.56
C GLY A 48 20.64 -2.57 1.07
N TYR A 49 21.69 -2.29 0.30
CA TYR A 49 21.60 -2.33 -1.15
C TYR A 49 22.82 -3.04 -1.71
N VAL A 50 22.56 -4.17 -2.38
CA VAL A 50 23.61 -4.97 -3.02
C VAL A 50 23.29 -4.95 -4.52
N ASN A 51 24.10 -4.24 -5.31
CA ASN A 51 23.99 -4.11 -6.77
C ASN A 51 22.58 -3.64 -7.22
N ASN A 52 22.13 -2.53 -6.61
CA ASN A 52 20.85 -1.85 -6.83
C ASN A 52 19.67 -2.60 -6.24
N THR A 53 19.91 -3.86 -5.79
CA THR A 53 18.96 -4.74 -5.13
C THR A 53 18.79 -4.35 -3.65
N THR A 54 17.55 -4.07 -3.19
CA THR A 54 17.28 -3.80 -1.76
C THR A 54 17.25 -5.18 -1.10
N VAL A 55 18.03 -5.34 -0.04
CA VAL A 55 18.17 -6.60 0.68
C VAL A 55 17.79 -6.44 2.16
N ALA A 56 17.51 -7.56 2.83
CA ALA A 56 17.31 -7.64 4.28
C ALA A 56 18.47 -8.51 4.78
N VAL A 57 19.28 -7.94 5.69
CA VAL A 57 20.44 -8.66 6.22
C VAL A 57 20.18 -9.03 7.67
N LYS A 58 20.05 -10.34 7.93
CA LYS A 58 19.83 -10.82 9.28
C LYS A 58 21.19 -11.16 9.88
N LYS A 59 21.65 -10.34 10.86
CA LYS A 59 22.92 -10.57 11.56
C LYS A 59 22.59 -11.39 12.81
N LEU A 60 22.99 -12.68 12.80
CA LEU A 60 22.74 -13.64 13.89
C LEU A 60 23.43 -13.24 15.19
N ALA A 61 22.65 -13.19 16.27
CA ALA A 61 23.12 -12.80 17.61
C ALA A 61 22.53 -13.70 18.68
N ALA A 62 23.38 -14.16 19.62
CA ALA A 62 22.98 -15.02 20.73
C ALA A 62 22.45 -14.22 21.91
N THR A 67 23.67 -20.08 22.33
CA THR A 67 25.01 -20.63 22.16
C THR A 67 25.50 -20.72 20.69
N THR A 68 26.81 -20.49 20.48
CA THR A 68 27.48 -20.47 19.16
C THR A 68 27.31 -21.68 18.26
N GLU A 69 27.37 -22.90 18.82
CA GLU A 69 27.22 -24.10 17.99
C GLU A 69 25.76 -24.29 17.57
N GLU A 70 24.82 -23.84 18.42
CA GLU A 70 23.39 -23.89 18.15
C GLU A 70 23.03 -22.87 17.08
N LEU A 71 23.60 -21.64 17.20
CA LEU A 71 23.42 -20.54 16.23
C LEU A 71 23.89 -21.03 14.86
N LYS A 72 25.13 -21.61 14.78
CA LYS A 72 25.66 -22.18 13.54
C LYS A 72 24.71 -23.24 12.99
N GLN A 73 24.18 -24.11 13.87
CA GLN A 73 23.22 -25.13 13.47
C GLN A 73 21.94 -24.52 12.88
N GLN A 74 21.40 -23.45 13.51
CA GLN A 74 20.21 -22.73 13.03
C GLN A 74 20.48 -22.01 11.69
N PHE A 75 21.72 -21.47 11.52
CA PHE A 75 22.21 -20.81 10.32
C PHE A 75 22.25 -21.83 9.16
N ASP A 76 22.89 -23.01 9.37
CA ASP A 76 23.01 -24.09 8.39
C ASP A 76 21.63 -24.65 8.02
N GLN A 77 20.71 -24.67 9.00
CA GLN A 77 19.34 -25.13 8.87
C GLN A 77 18.51 -24.25 7.91
N GLU A 78 18.65 -22.91 8.04
CA GLU A 78 17.97 -21.92 7.21
C GLU A 78 18.43 -22.08 5.76
N ILE A 79 19.74 -22.28 5.54
CA ILE A 79 20.33 -22.47 4.21
C ILE A 79 19.84 -23.78 3.56
N LYS A 80 19.89 -24.91 4.29
CA LYS A 80 19.45 -26.20 3.77
C LYS A 80 17.98 -26.17 3.32
N VAL A 81 17.07 -25.60 4.16
CA VAL A 81 15.62 -25.48 3.88
C VAL A 81 15.38 -24.59 2.67
N MET A 82 16.02 -23.40 2.65
CA MET A 82 15.86 -22.43 1.58
C MET A 82 16.30 -22.96 0.26
N ALA A 83 17.37 -23.79 0.25
CA ALA A 83 17.91 -24.42 -0.94
C ALA A 83 16.87 -25.31 -1.58
N LYS A 84 16.12 -26.07 -0.76
CA LYS A 84 15.08 -26.98 -1.21
C LYS A 84 13.74 -26.28 -1.53
N CYS A 85 13.32 -25.35 -0.67
CA CYS A 85 12.02 -24.68 -0.73
C CYS A 85 12.02 -23.31 -1.41
N GLN A 86 11.35 -23.23 -2.57
CA GLN A 86 11.16 -22.03 -3.36
C GLN A 86 9.70 -21.95 -3.70
N HIS A 87 9.02 -20.92 -3.18
CA HIS A 87 7.60 -20.71 -3.39
C HIS A 87 7.28 -19.22 -3.28
N GLU A 88 6.19 -18.78 -3.95
CA GLU A 88 5.71 -17.39 -3.95
C GLU A 88 5.30 -16.87 -2.56
N ASN A 89 5.07 -17.78 -1.60
CA ASN A 89 4.67 -17.44 -0.22
C ASN A 89 5.74 -17.77 0.78
N LEU A 90 6.98 -17.84 0.29
CA LEU A 90 8.17 -18.03 1.14
C LEU A 90 9.14 -16.94 0.79
N VAL A 91 9.88 -16.51 1.77
CA VAL A 91 10.90 -15.50 1.66
C VAL A 91 12.06 -16.07 0.81
N GLU A 92 12.83 -15.21 0.13
CA GLU A 92 13.91 -15.66 -0.76
C GLU A 92 15.30 -15.31 -0.21
N LEU A 93 16.18 -16.29 -0.15
CA LEU A 93 17.55 -16.12 0.30
C LEU A 93 18.44 -15.81 -0.91
N LEU A 94 19.24 -14.75 -0.80
CA LEU A 94 20.13 -14.41 -1.92
C LEU A 94 21.50 -14.99 -1.67
N GLY A 95 21.91 -14.90 -0.40
CA GLY A 95 23.17 -15.38 0.10
C GLY A 95 23.33 -15.28 1.60
N PHE A 96 24.59 -15.31 2.02
CA PHE A 96 25.01 -15.38 3.41
C PHE A 96 26.46 -15.02 3.57
N SER A 97 26.90 -14.89 4.82
CA SER A 97 28.27 -14.60 5.22
C SER A 97 28.56 -15.40 6.49
N SER A 98 29.63 -16.21 6.47
CA SER A 98 30.08 -17.01 7.61
C SER A 98 31.57 -16.75 7.94
N ASP A 99 32.07 -15.56 7.58
CA ASP A 99 33.46 -15.12 7.81
C ASP A 99 33.71 -14.80 9.29
N GLY A 100 34.32 -15.77 9.99
CA GLY A 100 34.63 -15.65 11.41
C GLY A 100 33.46 -15.86 12.35
N ASP A 101 33.45 -15.08 13.45
CA ASP A 101 32.43 -15.13 14.52
C ASP A 101 31.03 -14.64 14.13
N ASP A 102 30.94 -13.80 13.06
CA ASP A 102 29.67 -13.24 12.60
C ASP A 102 29.02 -14.03 11.47
N LEU A 103 27.74 -14.37 11.67
CA LEU A 103 26.92 -15.13 10.73
C LEU A 103 25.76 -14.27 10.21
N CYS A 104 25.72 -14.09 8.88
CA CYS A 104 24.72 -13.25 8.21
C CYS A 104 23.94 -13.99 7.15
N LEU A 105 22.68 -13.60 7.00
CA LEU A 105 21.81 -14.14 5.98
C LEU A 105 21.23 -13.00 5.18
N VAL A 106 21.37 -13.10 3.86
CA VAL A 106 20.92 -12.04 2.98
C VAL A 106 19.68 -12.47 2.21
N TYR A 107 18.62 -11.66 2.32
CA TYR A 107 17.33 -11.92 1.70
C TYR A 107 16.87 -10.79 0.80
N VAL A 108 15.87 -11.10 -0.04
CA VAL A 108 15.21 -10.09 -0.85
C VAL A 108 14.33 -9.33 0.15
N TYR A 109 14.56 -8.03 0.29
CA TYR A 109 13.83 -7.12 1.16
C TYR A 109 12.30 -7.12 0.96
N MET A 110 11.52 -7.01 2.06
CA MET A 110 10.06 -6.98 2.05
C MET A 110 9.55 -5.55 2.27
N PRO A 111 9.11 -4.85 1.20
CA PRO A 111 8.65 -3.44 1.35
C PRO A 111 7.61 -3.18 2.45
N ASN A 112 6.87 -4.22 2.87
CA ASN A 112 5.84 -4.00 3.88
C ASN A 112 6.09 -4.63 5.22
N GLY A 113 7.36 -5.02 5.48
CA GLY A 113 7.80 -5.62 6.74
C GLY A 113 6.99 -6.82 7.16
N SER A 114 6.79 -6.97 8.47
CA SER A 114 6.03 -8.06 9.06
C SER A 114 4.53 -7.74 9.27
N LEU A 115 3.71 -8.80 9.31
CA LEU A 115 2.29 -8.74 9.59
C LEU A 115 2.08 -8.14 11.00
N LEU A 116 2.94 -8.51 11.97
CA LEU A 116 2.90 -8.02 13.34
C LEU A 116 2.92 -6.47 13.31
N ASP A 117 3.96 -5.91 12.64
CA ASP A 117 4.15 -4.47 12.52
C ASP A 117 3.01 -3.76 11.81
N ARG A 118 2.44 -4.38 10.77
CA ARG A 118 1.33 -3.81 10.02
C ARG A 118 0.03 -3.84 10.79
N LEU A 119 -0.13 -4.86 11.66
CA LEU A 119 -1.31 -4.99 12.53
C LEU A 119 -1.25 -3.95 13.64
N SER A 120 -0.05 -3.54 14.05
CA SER A 120 0.10 -2.52 15.08
C SER A 120 0.27 -1.11 14.50
N CYS A 121 0.39 -0.97 13.14
CA CYS A 121 0.60 0.26 12.37
C CYS A 121 1.91 0.87 12.69
N LEU A 122 2.92 0.05 12.97
CA LEU A 122 4.24 0.52 13.29
C LEU A 122 4.78 1.46 12.17
N ASP A 123 5.34 2.62 12.56
CA ASP A 123 5.89 3.64 11.64
C ASP A 123 4.85 4.36 10.79
N GLY A 124 3.63 4.39 11.32
CA GLY A 124 2.49 5.12 10.76
C GLY A 124 1.86 4.58 9.52
N THR A 125 2.07 3.29 9.21
CA THR A 125 1.45 2.65 8.04
C THR A 125 -0.07 2.60 8.27
N PRO A 126 -0.91 2.68 7.22
CA PRO A 126 -2.35 2.64 7.49
C PRO A 126 -2.82 1.27 7.99
N PRO A 127 -3.92 1.19 8.78
CA PRO A 127 -4.43 -0.14 9.19
C PRO A 127 -4.83 -1.02 7.98
N LEU A 128 -4.55 -2.34 8.03
CA LEU A 128 -4.93 -3.27 6.94
C LEU A 128 -6.44 -3.47 6.92
N SER A 129 -7.03 -3.48 5.72
CA SER A 129 -8.46 -3.73 5.53
C SER A 129 -8.76 -5.21 5.72
N TRP A 130 -10.04 -5.56 5.99
CA TRP A 130 -10.45 -6.95 6.15
C TRP A 130 -10.11 -7.83 4.94
N HIS A 131 -10.45 -7.33 3.73
CA HIS A 131 -10.18 -7.95 2.44
C HIS A 131 -8.67 -8.28 2.33
N MET A 132 -7.81 -7.34 2.75
CA MET A 132 -6.38 -7.53 2.72
C MET A 132 -5.95 -8.59 3.74
N ARG A 133 -6.49 -8.50 4.96
CA ARG A 133 -6.19 -9.46 6.03
C ARG A 133 -6.55 -10.94 5.61
N CYS A 134 -7.70 -11.11 4.90
CA CYS A 134 -8.15 -12.37 4.31
C CYS A 134 -7.15 -12.90 3.27
N LYS A 135 -6.77 -12.06 2.30
CA LYS A 135 -5.80 -12.43 1.27
C LYS A 135 -4.48 -12.81 1.97
N ILE A 136 -4.06 -12.04 3.00
CA ILE A 136 -2.82 -12.34 3.71
C ILE A 136 -2.82 -13.75 4.36
N ALA A 137 -3.96 -14.11 5.04
CA ALA A 137 -4.18 -15.42 5.67
C ALA A 137 -4.05 -16.54 4.63
N GLN A 138 -4.71 -16.35 3.47
CA GLN A 138 -4.71 -17.25 2.32
C GLN A 138 -3.30 -17.50 1.82
N GLY A 139 -2.50 -16.43 1.75
CA GLY A 139 -1.10 -16.51 1.34
C GLY A 139 -0.28 -17.32 2.32
N ALA A 140 -0.40 -16.98 3.62
CA ALA A 140 0.30 -17.62 4.73
C ALA A 140 0.07 -19.13 4.72
N ALA A 141 -1.21 -19.55 4.56
CA ALA A 141 -1.66 -20.94 4.48
C ALA A 141 -0.98 -21.67 3.30
N ASN A 142 -0.94 -21.05 2.10
CA ASN A 142 -0.27 -21.64 0.94
C ASN A 142 1.22 -21.85 1.19
N GLY A 143 1.81 -20.99 2.01
CA GLY A 143 3.21 -21.08 2.38
C GLY A 143 3.42 -22.24 3.33
N ILE A 144 2.62 -22.31 4.43
CA ILE A 144 2.71 -23.40 5.40
C ILE A 144 2.48 -24.74 4.65
N ASN A 145 1.50 -24.77 3.74
CA ASN A 145 1.15 -25.91 2.94
C ASN A 145 2.30 -26.40 2.06
N PHE A 146 3.06 -25.49 1.44
CA PHE A 146 4.20 -25.86 0.61
C PHE A 146 5.26 -26.53 1.49
N LEU A 147 5.56 -25.94 2.66
CA LEU A 147 6.54 -26.49 3.60
C LEU A 147 6.14 -27.88 4.08
N HIS A 148 4.85 -28.06 4.39
CA HIS A 148 4.29 -29.32 4.87
C HIS A 148 4.34 -30.42 3.80
N GLU A 149 3.98 -30.07 2.53
CA GLU A 149 4.06 -30.94 1.36
C GLU A 149 5.52 -31.36 1.14
N ASN A 150 6.48 -30.51 1.55
CA ASN A 150 7.89 -30.78 1.41
C ASN A 150 8.49 -31.34 2.70
N HIS A 151 7.62 -31.88 3.58
CA HIS A 151 7.98 -32.55 4.83
C HIS A 151 8.85 -31.69 5.73
N HIS A 152 8.43 -30.44 5.91
CA HIS A 152 9.09 -29.49 6.80
C HIS A 152 8.10 -28.92 7.79
N ILE A 153 8.55 -28.77 9.03
CA ILE A 153 7.78 -28.17 10.11
C ILE A 153 8.53 -26.88 10.40
N HIS A 154 7.81 -25.74 10.37
CA HIS A 154 8.41 -24.43 10.60
C HIS A 154 8.97 -24.28 12.00
N ARG A 155 8.13 -24.58 13.03
CA ARG A 155 8.44 -24.51 14.48
C ARG A 155 8.41 -23.11 15.10
N ASP A 156 8.23 -22.04 14.29
CA ASP A 156 8.18 -20.67 14.80
C ASP A 156 7.16 -19.80 14.01
N ILE A 157 5.99 -20.37 13.71
CA ILE A 157 4.94 -19.65 13.03
C ILE A 157 4.33 -18.61 13.91
N LYS A 158 4.48 -17.34 13.51
CA LYS A 158 3.98 -16.16 14.21
C LYS A 158 3.88 -15.01 13.22
N SER A 159 3.15 -13.95 13.58
CA SER A 159 2.98 -12.79 12.70
C SER A 159 4.26 -12.03 12.41
N ALA A 160 5.25 -12.07 13.33
CA ALA A 160 6.56 -11.45 13.09
C ALA A 160 7.28 -12.18 11.98
N ASN A 161 6.95 -13.49 11.78
CA ASN A 161 7.52 -14.36 10.73
C ASN A 161 6.68 -14.48 9.43
N ILE A 162 5.62 -13.69 9.31
CA ILE A 162 4.82 -13.62 8.09
C ILE A 162 5.09 -12.24 7.54
N LEU A 163 5.92 -12.19 6.51
CA LEU A 163 6.31 -10.92 5.93
C LEU A 163 5.44 -10.53 4.73
N LEU A 164 5.49 -9.25 4.36
CA LEU A 164 4.68 -8.70 3.28
C LEU A 164 5.49 -7.96 2.21
N ASP A 165 5.31 -8.35 0.94
CA ASP A 165 5.97 -7.68 -0.21
C ASP A 165 5.20 -6.41 -0.61
N GLU A 166 5.64 -5.76 -1.70
CA GLU A 166 5.04 -4.54 -2.27
C GLU A 166 3.54 -4.66 -2.57
N ALA A 167 3.06 -5.87 -2.90
CA ALA A 167 1.65 -6.17 -3.21
C ALA A 167 0.91 -6.78 -2.00
N PHE A 168 1.58 -6.86 -0.81
CA PHE A 168 1.06 -7.46 0.42
C PHE A 168 0.89 -8.97 0.30
N THR A 169 1.78 -9.61 -0.48
CA THR A 169 1.82 -11.05 -0.60
C THR A 169 2.49 -11.57 0.69
N ALA A 170 1.84 -12.53 1.34
CA ALA A 170 2.36 -13.15 2.56
C ALA A 170 3.57 -14.02 2.21
N LYS A 171 4.65 -13.85 2.99
CA LYS A 171 5.88 -14.61 2.80
C LYS A 171 6.39 -15.06 4.13
N ILE A 172 6.33 -16.39 4.36
CA ILE A 172 6.80 -17.04 5.59
C ILE A 172 8.34 -16.93 5.63
N SER A 173 8.88 -16.51 6.78
CA SER A 173 10.32 -16.35 6.98
C SER A 173 10.78 -17.09 8.23
N ASP A 174 12.10 -17.00 8.54
CA ASP A 174 12.77 -17.61 9.69
C ASP A 174 12.65 -19.11 9.79
N PHE A 175 13.48 -19.81 9.04
CA PHE A 175 13.54 -21.28 8.97
C PHE A 175 14.73 -21.86 9.78
N GLY A 176 15.32 -21.06 10.68
CA GLY A 176 16.42 -21.47 11.55
C GLY A 176 16.08 -22.60 12.52
N LEU A 177 14.79 -22.71 12.89
CA LEU A 177 14.24 -23.74 13.78
C LEU A 177 13.48 -24.83 13.02
N ALA A 178 13.34 -24.72 11.68
CA ALA A 178 12.63 -25.71 10.87
C ALA A 178 13.19 -27.13 10.96
N ARG A 179 12.30 -28.14 10.88
CA ARG A 179 12.64 -29.55 10.98
C ARG A 179 12.09 -30.37 9.81
N ALA A 180 12.78 -31.46 9.44
CA ALA A 180 12.37 -32.37 8.36
C ALA A 180 11.29 -33.43 8.75
N SER A 181 11.31 -34.65 8.08
CA SER A 181 10.47 -35.88 8.22
C SER A 181 9.99 -36.43 6.85
N TPO A 187 5.55 -37.87 15.25
CA TPO A 187 5.76 -36.98 16.39
CB TPO A 187 4.48 -36.87 17.26
CG2 TPO A 187 4.75 -35.95 18.47
OG1 TPO A 187 3.42 -36.26 16.46
P TPO A 187 2.03 -37.00 16.51
O1P TPO A 187 1.43 -36.82 15.10
O2P TPO A 187 1.07 -36.33 17.50
O3P TPO A 187 2.15 -38.49 16.91
C TPO A 187 7.00 -37.39 17.19
O TPO A 187 7.05 -38.50 17.73
N VAL A 188 8.00 -36.49 17.26
CA VAL A 188 9.27 -36.71 17.97
C VAL A 188 9.43 -35.81 19.22
N MET A 189 10.61 -35.83 19.88
CA MET A 189 10.87 -35.06 21.10
C MET A 189 12.21 -34.32 21.08
N TPO A 190 12.39 -33.32 21.97
CA TPO A 190 13.63 -32.54 22.06
CB TPO A 190 13.62 -31.32 21.07
CG2 TPO A 190 12.49 -30.33 21.40
OG1 TPO A 190 14.85 -30.53 21.03
P TPO A 190 16.04 -31.09 20.20
O1P TPO A 190 16.84 -29.90 19.69
O2P TPO A 190 16.97 -31.93 21.10
O3P TPO A 190 15.55 -31.99 19.04
C TPO A 190 13.93 -32.08 23.50
O TPO A 190 13.02 -31.90 24.30
N SEP A 191 15.23 -31.89 23.80
CA SEP A 191 15.70 -31.41 25.10
CB SEP A 191 16.94 -32.08 25.70
OG SEP A 191 18.12 -31.86 24.92
C SEP A 191 15.81 -29.88 25.15
O SEP A 191 15.91 -29.31 26.24
P SEP A 191 18.73 -33.21 24.45
O1P SEP A 191 19.97 -32.94 23.59
O2P SEP A 191 17.70 -34.04 23.64
O3P SEP A 191 19.21 -33.97 25.69
N ARG A 192 15.82 -29.22 23.96
CA ARG A 192 15.87 -27.76 23.83
C ARG A 192 14.55 -27.24 23.25
N ILE A 193 13.71 -26.65 24.12
CA ILE A 193 12.40 -26.10 23.78
C ILE A 193 12.59 -24.69 23.20
N VAL A 194 12.16 -24.51 21.95
CA VAL A 194 12.31 -23.26 21.19
C VAL A 194 11.03 -22.83 20.44
N GLY A 195 10.87 -21.51 20.34
CA GLY A 195 9.73 -20.84 19.71
C GLY A 195 9.27 -19.67 20.56
N THR A 196 8.11 -19.09 20.22
CA THR A 196 7.53 -17.97 20.98
C THR A 196 6.32 -18.52 21.72
N THR A 197 6.47 -18.68 23.04
CA THR A 197 5.48 -19.26 23.94
C THR A 197 4.04 -18.84 23.69
N ALA A 198 3.82 -17.54 23.35
CA ALA A 198 2.50 -16.99 23.09
C ALA A 198 1.77 -17.61 21.91
N TYR A 199 2.50 -18.25 20.99
CA TYR A 199 1.96 -18.88 19.78
C TYR A 199 2.04 -20.38 19.82
N MET A 200 2.94 -20.91 20.65
CA MET A 200 3.23 -22.34 20.78
C MET A 200 2.08 -23.21 21.25
N ALA A 201 1.92 -24.36 20.56
CA ALA A 201 0.96 -25.39 20.90
C ALA A 201 1.39 -26.02 22.24
N PRO A 202 0.44 -26.49 23.10
CA PRO A 202 0.84 -27.06 24.41
C PRO A 202 1.94 -28.13 24.33
N GLU A 203 1.84 -29.08 23.36
CA GLU A 203 2.83 -30.14 23.16
C GLU A 203 4.20 -29.59 22.77
N ALA A 204 4.22 -28.49 22.00
CA ALA A 204 5.46 -27.85 21.57
C ALA A 204 6.17 -27.27 22.82
N LEU A 205 5.39 -26.73 23.79
CA LEU A 205 5.90 -26.19 25.04
C LEU A 205 6.49 -27.29 25.92
N ARG A 206 6.02 -28.54 25.72
CA ARG A 206 6.48 -29.75 26.39
C ARG A 206 7.83 -30.21 25.79
N GLY A 207 7.96 -30.10 24.48
CA GLY A 207 9.13 -30.52 23.73
C GLY A 207 8.81 -31.39 22.53
N GLU A 208 7.51 -31.52 22.16
CA GLU A 208 7.10 -32.33 21.02
C GLU A 208 7.22 -31.57 19.72
N ILE A 209 7.68 -32.27 18.67
CA ILE A 209 7.89 -31.75 17.32
C ILE A 209 6.91 -32.43 16.35
N THR A 210 5.89 -31.68 15.90
CA THR A 210 4.83 -32.19 15.00
C THR A 210 4.31 -31.12 14.04
N PRO A 211 3.99 -31.44 12.78
CA PRO A 211 3.46 -30.40 11.87
C PRO A 211 2.14 -29.80 12.37
N LYS A 212 1.43 -30.54 13.22
CA LYS A 212 0.16 -30.12 13.81
C LYS A 212 0.36 -28.93 14.76
N SER A 213 1.60 -28.70 15.26
CA SER A 213 1.94 -27.57 16.13
C SER A 213 1.88 -26.26 15.31
N ASP A 214 2.33 -26.31 14.03
CA ASP A 214 2.33 -25.21 13.07
C ASP A 214 0.89 -24.72 12.83
N ILE A 215 -0.08 -25.66 12.78
CA ILE A 215 -1.51 -25.38 12.62
C ILE A 215 -2.05 -24.59 13.83
N TYR A 216 -1.63 -24.97 15.06
CA TYR A 216 -2.03 -24.28 16.28
C TYR A 216 -1.52 -22.84 16.26
N SER A 217 -0.24 -22.65 15.92
CA SER A 217 0.42 -21.35 15.86
C SER A 217 -0.25 -20.41 14.85
N PHE A 218 -0.69 -20.97 13.73
CA PHE A 218 -1.40 -20.24 12.69
C PHE A 218 -2.78 -19.77 13.18
N GLY A 219 -3.40 -20.52 14.11
CA GLY A 219 -4.68 -20.16 14.69
C GLY A 219 -4.54 -18.95 15.59
N VAL A 220 -3.38 -18.82 16.26
CA VAL A 220 -3.07 -17.65 17.10
C VAL A 220 -2.91 -16.42 16.19
N VAL A 221 -2.31 -16.64 15.00
CA VAL A 221 -2.11 -15.62 13.98
C VAL A 221 -3.46 -15.16 13.47
N LEU A 222 -4.37 -16.11 13.19
CA LEU A 222 -5.72 -15.75 12.72
C LEU A 222 -6.47 -14.93 13.76
N LEU A 223 -6.27 -15.21 15.05
CA LEU A 223 -6.86 -14.39 16.10
C LEU A 223 -6.25 -12.97 16.08
N GLU A 224 -4.92 -12.85 15.83
CA GLU A 224 -4.25 -11.55 15.73
C GLU A 224 -4.85 -10.80 14.56
N ILE A 225 -5.05 -11.50 13.43
CA ILE A 225 -5.65 -10.90 12.24
C ILE A 225 -7.08 -10.34 12.51
N ILE A 226 -7.94 -11.10 13.24
CA ILE A 226 -9.28 -10.62 13.54
C ILE A 226 -9.29 -9.40 14.50
N THR A 227 -8.48 -9.49 15.57
CA THR A 227 -8.46 -8.54 16.68
C THR A 227 -7.49 -7.36 16.55
N GLY A 228 -6.41 -7.56 15.81
CA GLY A 228 -5.36 -6.55 15.67
C GLY A 228 -4.49 -6.45 16.91
N LEU A 229 -4.68 -7.39 17.87
CA LEU A 229 -3.98 -7.48 19.14
C LEU A 229 -2.80 -8.44 19.04
N PRO A 230 -1.63 -8.11 19.66
CA PRO A 230 -0.50 -9.06 19.64
C PRO A 230 -0.84 -10.30 20.50
N ALA A 231 -0.25 -11.48 20.20
CA ALA A 231 -0.51 -12.75 20.92
C ALA A 231 -0.29 -12.62 22.44
N VAL A 232 0.69 -11.81 22.83
CA VAL A 232 1.03 -11.50 24.21
C VAL A 232 1.27 -10.02 24.32
N ASP A 233 0.76 -9.44 25.41
CA ASP A 233 0.91 -8.05 25.78
C ASP A 233 0.92 -8.02 27.30
N GLU A 234 2.11 -7.79 27.89
CA GLU A 234 2.34 -7.77 29.34
C GLU A 234 1.44 -6.75 30.06
N HIS A 235 1.11 -5.65 29.37
CA HIS A 235 0.30 -4.56 29.89
C HIS A 235 -1.18 -4.67 29.49
N ARG A 236 -1.68 -5.89 29.29
CA ARG A 236 -3.06 -6.10 28.86
C ARG A 236 -3.73 -7.18 29.68
N GLU A 237 -5.04 -7.03 29.88
CA GLU A 237 -5.87 -7.97 30.59
C GLU A 237 -6.90 -8.48 29.61
N PRO A 238 -6.79 -9.74 29.15
CA PRO A 238 -5.79 -10.73 29.50
C PRO A 238 -4.53 -10.61 28.65
N GLN A 239 -3.38 -10.83 29.30
CA GLN A 239 -2.05 -10.76 28.69
C GLN A 239 -1.92 -11.64 27.44
N LEU A 240 -2.52 -12.85 27.47
CA LEU A 240 -2.48 -13.82 26.38
C LEU A 240 -3.75 -13.80 25.58
N LEU A 241 -3.62 -13.67 24.23
CA LEU A 241 -4.74 -13.62 23.28
C LEU A 241 -5.52 -14.94 23.26
N LEU A 242 -4.82 -16.06 23.56
CA LEU A 242 -5.38 -17.39 23.71
C LEU A 242 -6.51 -17.39 24.79
N ASP A 243 -6.37 -16.57 25.86
CA ASP A 243 -7.37 -16.43 26.93
C ASP A 243 -8.70 -15.87 26.44
N ILE A 244 -8.66 -15.00 25.40
CA ILE A 244 -9.83 -14.39 24.74
C ILE A 244 -10.69 -15.50 24.09
N LYS A 245 -10.09 -16.56 23.52
CA LYS A 245 -10.86 -17.69 22.96
C LYS A 245 -11.63 -18.43 24.09
N GLU A 246 -11.02 -18.57 25.30
CA GLU A 246 -11.68 -19.21 26.43
C GLU A 246 -12.94 -18.41 26.81
N GLU A 247 -12.82 -17.06 26.89
CA GLU A 247 -13.90 -16.11 27.18
C GLU A 247 -15.07 -16.23 26.18
N ILE A 248 -14.74 -16.40 24.88
CA ILE A 248 -15.72 -16.55 23.81
C ILE A 248 -16.36 -17.93 23.93
N GLU A 249 -15.53 -19.00 24.06
CA GLU A 249 -15.99 -20.39 24.19
C GLU A 249 -16.92 -20.56 25.41
N ASP A 250 -16.59 -19.89 26.53
CA ASP A 250 -17.39 -19.92 27.76
C ASP A 250 -18.51 -18.87 27.72
N GLU A 251 -19.00 -18.52 26.50
CA GLU A 251 -20.09 -17.55 26.21
C GLU A 251 -20.06 -16.20 26.98
N GLU A 252 -18.97 -15.90 27.73
CA GLU A 252 -18.79 -14.68 28.50
C GLU A 252 -18.61 -13.43 27.59
N LYS A 253 -18.16 -13.64 26.31
CA LYS A 253 -17.93 -12.62 25.28
C LYS A 253 -18.17 -13.26 23.88
N THR A 254 -18.18 -12.42 22.81
CA THR A 254 -18.29 -12.88 21.42
C THR A 254 -17.09 -12.36 20.61
N ILE A 255 -16.88 -12.92 19.41
CA ILE A 255 -15.79 -12.47 18.53
C ILE A 255 -16.01 -11.00 18.11
N GLU A 256 -17.29 -10.59 18.00
CA GLU A 256 -17.74 -9.23 17.67
C GLU A 256 -17.21 -8.20 18.65
N ASP A 257 -17.09 -8.59 19.92
CA ASP A 257 -16.56 -7.72 20.95
C ASP A 257 -15.07 -7.49 20.75
N TYR A 258 -14.40 -8.38 20.00
CA TYR A 258 -12.95 -8.33 19.76
C TYR A 258 -12.47 -7.94 18.38
N ILE A 259 -13.38 -7.80 17.39
CA ILE A 259 -13.04 -7.37 16.02
C ILE A 259 -12.27 -6.06 16.09
N ASP A 260 -11.10 -6.02 15.43
CA ASP A 260 -10.24 -4.85 15.36
C ASP A 260 -11.06 -3.62 14.91
N LYS A 261 -11.14 -2.58 15.79
CA LYS A 261 -11.88 -1.34 15.48
C LYS A 261 -11.20 -0.49 14.37
N LYS A 262 -9.91 -0.79 14.03
CA LYS A 262 -9.12 -0.11 12.99
C LYS A 262 -9.51 -0.53 11.56
N MET A 263 -10.63 -1.22 11.39
CA MET A 263 -11.11 -1.54 10.05
C MET A 263 -12.58 -1.18 9.90
N ASN A 264 -13.07 -0.99 8.66
CA ASN A 264 -14.48 -0.60 8.40
C ASN A 264 -15.25 -1.58 7.50
N ASP A 265 -14.50 -2.41 6.73
CA ASP A 265 -14.98 -3.41 5.75
C ASP A 265 -15.06 -4.85 6.28
N ALA A 266 -15.07 -5.05 7.61
CA ALA A 266 -15.12 -6.39 8.19
C ALA A 266 -16.57 -6.77 8.39
N ASP A 267 -17.06 -7.75 7.60
CA ASP A 267 -18.42 -8.24 7.72
C ASP A 267 -18.44 -9.49 8.58
N SER A 268 -19.34 -9.50 9.58
CA SER A 268 -19.53 -10.54 10.60
C SER A 268 -19.55 -11.99 10.11
N THR A 269 -20.14 -12.25 8.93
CA THR A 269 -20.17 -13.59 8.35
C THR A 269 -18.75 -14.09 8.10
N SER A 270 -17.92 -13.33 7.34
CA SER A 270 -16.52 -13.69 7.05
C SER A 270 -15.67 -13.63 8.30
N VAL A 271 -15.99 -12.71 9.24
CA VAL A 271 -15.24 -12.59 10.48
C VAL A 271 -15.45 -13.87 11.31
N GLU A 272 -16.72 -14.29 11.52
CA GLU A 272 -17.08 -15.53 12.24
C GLU A 272 -16.54 -16.77 11.54
N ALA A 273 -16.45 -16.71 10.20
CA ALA A 273 -15.97 -17.81 9.40
C ALA A 273 -14.46 -18.02 9.62
N MET A 274 -13.71 -16.94 9.83
CA MET A 274 -12.29 -16.99 10.12
C MET A 274 -12.09 -17.43 11.57
N TYR A 275 -12.95 -16.96 12.49
CA TYR A 275 -12.85 -17.36 13.90
C TYR A 275 -13.03 -18.87 14.04
N SER A 276 -13.99 -19.44 13.27
CA SER A 276 -14.27 -20.87 13.20
C SER A 276 -12.99 -21.65 12.82
N VAL A 277 -12.25 -21.20 11.78
CA VAL A 277 -10.99 -21.83 11.35
C VAL A 277 -9.96 -21.77 12.49
N ALA A 278 -9.83 -20.59 13.11
CA ALA A 278 -8.90 -20.34 14.21
C ALA A 278 -9.20 -21.26 15.40
N SER A 279 -10.49 -21.39 15.78
CA SER A 279 -10.85 -22.24 16.91
C SER A 279 -10.62 -23.73 16.62
N GLN A 280 -10.77 -24.14 15.34
CA GLN A 280 -10.48 -25.51 14.92
C GLN A 280 -8.95 -25.75 15.05
N CYS A 281 -8.16 -24.75 14.64
CA CYS A 281 -6.70 -24.75 14.72
C CYS A 281 -6.24 -24.81 16.16
N LEU A 282 -6.99 -24.14 17.04
CA LEU A 282 -6.66 -24.04 18.46
C LEU A 282 -7.13 -25.19 19.36
N HIS A 283 -7.45 -26.36 18.77
CA HIS A 283 -7.81 -27.56 19.51
C HIS A 283 -6.64 -28.02 20.36
N GLU A 284 -6.93 -28.16 21.65
CA GLU A 284 -6.11 -28.62 22.76
C GLU A 284 -5.37 -29.92 22.36
N LYS A 285 -6.12 -30.80 21.70
CA LYS A 285 -5.72 -32.09 21.22
C LYS A 285 -5.20 -32.04 19.78
N LYS A 286 -3.86 -32.26 19.60
CA LYS A 286 -3.13 -32.28 18.31
C LYS A 286 -3.90 -32.93 17.16
N ASN A 287 -4.45 -34.12 17.38
CA ASN A 287 -5.17 -34.88 16.36
C ASN A 287 -6.57 -34.37 16.02
N LYS A 288 -7.13 -33.46 16.86
CA LYS A 288 -8.46 -32.85 16.64
C LYS A 288 -8.39 -31.65 15.69
N ARG A 289 -7.17 -31.08 15.48
CA ARG A 289 -6.92 -29.91 14.62
C ARG A 289 -6.94 -30.29 13.14
N PRO A 290 -7.37 -29.37 12.23
CA PRO A 290 -7.34 -29.71 10.80
C PRO A 290 -5.92 -29.71 10.23
N ASP A 291 -5.70 -30.37 9.10
CA ASP A 291 -4.40 -30.34 8.46
C ASP A 291 -4.38 -29.09 7.57
N ILE A 292 -3.18 -28.65 7.14
CA ILE A 292 -3.01 -27.45 6.32
C ILE A 292 -3.88 -27.37 5.07
N LYS A 293 -4.04 -28.46 4.31
CA LYS A 293 -4.90 -28.44 3.11
C LYS A 293 -6.36 -28.14 3.49
N LYS A 294 -6.82 -28.61 4.69
CA LYS A 294 -8.17 -28.31 5.17
C LYS A 294 -8.27 -26.83 5.52
N VAL A 295 -7.25 -26.29 6.24
CA VAL A 295 -7.13 -24.87 6.62
C VAL A 295 -7.22 -23.99 5.34
N GLN A 296 -6.48 -24.37 4.25
CA GLN A 296 -6.51 -23.64 2.98
C GLN A 296 -7.93 -23.66 2.39
N GLN A 297 -8.57 -24.87 2.39
CA GLN A 297 -9.91 -25.08 1.87
C GLN A 297 -10.91 -24.18 2.59
N LEU A 298 -10.86 -24.21 3.94
CA LEU A 298 -11.72 -23.39 4.77
C LEU A 298 -11.54 -21.89 4.53
N LEU A 299 -10.27 -21.43 4.41
CA LEU A 299 -9.97 -20.02 4.14
C LEU A 299 -10.45 -19.59 2.75
N GLN A 300 -10.34 -20.49 1.74
CA GLN A 300 -10.77 -20.19 0.37
C GLN A 300 -12.30 -20.07 0.34
N GLU A 301 -13.00 -20.95 1.10
CA GLU A 301 -14.46 -20.97 1.24
C GLU A 301 -14.98 -19.67 1.86
N MET A 302 -14.22 -19.12 2.82
CA MET A 302 -14.46 -17.89 3.58
C MET A 302 -14.80 -16.67 2.69
N THR A 303 -14.16 -16.58 1.50
CA THR A 303 -14.33 -15.48 0.54
C THR A 303 -15.31 -15.79 -0.60
N ARG B 9 4.96 31.94 9.75
CA ARG B 9 4.08 30.88 9.24
C ARG B 9 4.87 29.58 8.92
N PHE B 10 5.94 29.72 8.11
CA PHE B 10 6.82 28.63 7.67
C PHE B 10 8.22 28.89 8.14
N HIS B 11 8.96 27.81 8.43
CA HIS B 11 10.34 27.91 8.89
C HIS B 11 11.27 28.33 7.78
N SER B 12 12.07 29.37 8.01
CA SER B 12 13.05 29.78 7.00
C SER B 12 14.34 29.02 7.24
N PHE B 13 14.76 28.29 6.20
CA PHE B 13 15.97 27.48 6.25
C PHE B 13 17.09 28.22 5.55
N SER B 14 18.33 27.92 5.93
CA SER B 14 19.48 28.45 5.23
C SER B 14 19.82 27.36 4.23
N PHE B 15 20.18 27.74 3.00
CA PHE B 15 20.50 26.77 1.95
C PHE B 15 21.44 25.62 2.40
N TYR B 16 22.34 25.94 3.32
CA TYR B 16 23.33 25.01 3.85
C TYR B 16 22.75 23.91 4.78
N GLU B 17 21.62 24.20 5.48
CA GLU B 17 20.91 23.23 6.33
C GLU B 17 20.29 22.18 5.41
N LEU B 18 19.73 22.64 4.28
CA LEU B 18 19.09 21.79 3.29
C LEU B 18 20.07 20.90 2.54
N LYS B 19 21.33 21.37 2.42
CA LYS B 19 22.43 20.62 1.86
C LYS B 19 22.68 19.43 2.80
N ASN B 20 22.66 19.68 4.13
CA ASN B 20 22.83 18.65 5.14
C ASN B 20 21.73 17.60 5.08
N VAL B 21 20.45 18.04 5.14
CA VAL B 21 19.26 17.17 5.12
C VAL B 21 19.18 16.24 3.90
N THR B 22 19.65 16.70 2.73
CA THR B 22 19.55 15.97 1.46
C THR B 22 20.82 15.24 1.03
N ASN B 23 21.79 15.08 1.96
CA ASN B 23 23.09 14.41 1.72
C ASN B 23 23.79 15.16 0.57
N ASN B 24 23.78 16.51 0.67
CA ASN B 24 24.32 17.48 -0.27
C ASN B 24 23.77 17.32 -1.67
N PHE B 25 22.41 17.30 -1.76
CA PHE B 25 21.63 17.14 -2.99
C PHE B 25 22.11 15.97 -3.88
N ASP B 26 22.25 14.77 -3.28
CA ASP B 26 22.67 13.53 -3.95
C ASP B 26 21.72 13.25 -5.13
N GLU B 27 22.28 13.24 -6.35
CA GLU B 27 21.51 13.04 -7.58
C GLU B 27 21.18 11.58 -7.90
N ARG B 28 21.69 10.64 -7.09
CA ARG B 28 21.40 9.20 -7.24
C ARG B 28 19.95 8.95 -6.83
N PRO B 29 19.23 8.02 -7.50
CA PRO B 29 17.81 7.81 -7.16
C PRO B 29 17.63 7.18 -5.79
N ILE B 30 16.51 7.51 -5.15
CA ILE B 30 16.15 6.99 -3.83
C ILE B 30 16.04 5.47 -3.82
N SER B 31 15.67 4.86 -4.96
CA SER B 31 15.54 3.41 -5.19
C SER B 31 16.89 2.66 -5.05
N VAL B 32 17.99 3.40 -5.22
CA VAL B 32 19.37 2.94 -5.21
C VAL B 32 20.10 3.35 -3.91
N GLY B 33 19.40 4.16 -3.09
CA GLY B 33 19.91 4.66 -1.82
C GLY B 33 20.36 6.11 -1.88
N GLY B 34 20.07 6.79 -2.99
CA GLY B 34 20.41 8.19 -3.20
C GLY B 34 19.33 9.12 -2.68
N ASN B 35 19.34 10.39 -3.16
CA ASN B 35 18.35 11.34 -2.70
C ASN B 35 17.34 11.83 -3.73
N LYS B 36 17.66 11.70 -5.03
CA LYS B 36 16.78 12.16 -6.12
C LYS B 36 15.47 11.37 -6.21
N MET B 37 14.33 12.10 -6.18
CA MET B 37 13.01 11.49 -6.26
C MET B 37 12.33 11.69 -7.63
N GLY B 38 12.72 12.75 -8.31
CA GLY B 38 12.16 13.11 -9.60
C GLY B 38 12.46 14.53 -9.99
N GLU B 39 12.05 14.90 -11.22
CA GLU B 39 12.29 16.24 -11.78
C GLU B 39 11.27 16.70 -12.79
N GLY B 40 10.91 17.97 -12.67
CA GLY B 40 10.03 18.68 -13.59
C GLY B 40 10.82 19.71 -14.39
N GLY B 41 10.07 20.65 -14.97
CA GLY B 41 10.64 21.75 -15.74
C GLY B 41 11.19 22.86 -14.87
N PHE B 42 10.58 23.05 -13.69
CA PHE B 42 10.95 24.07 -12.71
C PHE B 42 11.89 23.61 -11.57
N GLY B 43 12.32 22.35 -11.58
CA GLY B 43 13.22 21.83 -10.55
C GLY B 43 13.29 20.33 -10.33
N VAL B 44 14.20 19.91 -9.43
CA VAL B 44 14.46 18.51 -9.01
C VAL B 44 14.01 18.36 -7.54
N VAL B 45 13.34 17.23 -7.21
CA VAL B 45 12.84 16.94 -5.87
C VAL B 45 13.75 15.90 -5.20
N TYR B 46 14.22 16.23 -3.97
CA TYR B 46 15.09 15.38 -3.16
C TYR B 46 14.44 14.94 -1.85
N LYS B 47 14.81 13.76 -1.36
CA LYS B 47 14.37 13.25 -0.06
C LYS B 47 15.33 13.77 1.03
N GLY B 48 14.84 13.94 2.23
CA GLY B 48 15.69 14.33 3.34
C GLY B 48 15.01 14.10 4.66
N TYR B 49 15.68 14.51 5.73
CA TYR B 49 15.15 14.41 7.07
C TYR B 49 15.39 15.73 7.83
N VAL B 50 14.33 16.30 8.40
CA VAL B 50 14.46 17.47 9.25
C VAL B 50 14.04 16.90 10.59
N ASN B 51 15.05 16.56 11.42
CA ASN B 51 14.99 15.84 12.69
C ASN B 51 14.68 14.40 12.32
N ASN B 52 13.48 13.93 12.67
CA ASN B 52 13.04 12.60 12.30
C ASN B 52 11.95 12.69 11.22
N THR B 53 11.57 13.91 10.86
CA THR B 53 10.59 14.24 9.85
C THR B 53 11.18 14.06 8.46
N THR B 54 10.68 13.04 7.72
CA THR B 54 11.07 12.83 6.31
C THR B 54 10.49 14.00 5.50
N VAL B 55 11.34 14.61 4.68
CA VAL B 55 10.95 15.76 3.87
C VAL B 55 11.16 15.57 2.36
N ALA B 56 10.40 16.38 1.57
CA ALA B 56 10.60 16.50 0.11
C ALA B 56 11.15 17.91 -0.13
N VAL B 57 12.34 18.02 -0.72
CA VAL B 57 12.96 19.31 -0.97
C VAL B 57 12.98 19.58 -2.48
N LYS B 58 12.19 20.57 -2.92
CA LYS B 58 12.16 20.94 -4.33
C LYS B 58 13.18 22.06 -4.56
N LYS B 59 14.29 21.75 -5.24
CA LYS B 59 15.34 22.72 -5.58
C LYS B 59 15.01 23.28 -6.96
N LEU B 60 14.51 24.53 -6.99
CA LEU B 60 14.10 25.24 -8.20
C LEU B 60 15.24 25.46 -9.18
N ALA B 61 15.00 25.09 -10.44
CA ALA B 61 15.96 25.21 -11.55
C ALA B 61 15.28 25.72 -12.81
N ALA B 62 15.90 26.71 -13.49
CA ALA B 62 15.35 27.29 -14.73
C ALA B 62 15.87 26.53 -15.95
N THR B 67 13.47 32.27 -16.97
CA THR B 67 13.61 33.64 -16.48
C THR B 67 13.74 33.67 -14.96
N THR B 68 14.83 34.28 -14.44
CA THR B 68 15.11 34.39 -13.00
C THR B 68 14.00 35.14 -12.26
N GLU B 69 13.46 36.21 -12.89
CA GLU B 69 12.37 37.01 -12.32
C GLU B 69 11.11 36.15 -12.22
N GLU B 70 10.93 35.24 -13.20
CA GLU B 70 9.78 34.34 -13.22
C GLU B 70 9.86 33.24 -12.15
N LEU B 71 11.03 32.50 -12.05
CA LEU B 71 11.28 31.42 -11.10
C LEU B 71 11.07 31.93 -9.68
N LYS B 72 11.56 33.17 -9.39
CA LYS B 72 11.40 33.86 -8.09
C LYS B 72 9.93 34.25 -7.87
N GLN B 73 9.22 34.64 -8.94
CA GLN B 73 7.80 34.97 -8.85
C GLN B 73 6.99 33.70 -8.56
N GLN B 74 7.38 32.56 -9.19
CA GLN B 74 6.72 31.25 -9.02
C GLN B 74 6.93 30.73 -7.58
N PHE B 75 8.15 30.94 -7.04
CA PHE B 75 8.56 30.58 -5.68
C PHE B 75 7.69 31.34 -4.67
N ASP B 76 7.61 32.68 -4.80
CA ASP B 76 6.82 33.58 -3.95
C ASP B 76 5.35 33.22 -4.01
N GLN B 77 4.88 32.77 -5.20
CA GLN B 77 3.51 32.36 -5.41
C GLN B 77 3.13 31.09 -4.62
N GLU B 78 4.03 30.09 -4.63
CA GLU B 78 3.84 28.82 -3.91
C GLU B 78 3.67 29.08 -2.41
N ILE B 79 4.52 29.96 -1.86
CA ILE B 79 4.51 30.35 -0.45
C ILE B 79 3.21 31.11 -0.10
N LYS B 80 2.82 32.11 -0.90
CA LYS B 80 1.61 32.89 -0.69
C LYS B 80 0.35 32.01 -0.64
N VAL B 81 0.20 31.10 -1.61
CA VAL B 81 -0.93 30.15 -1.71
C VAL B 81 -0.95 29.18 -0.54
N MET B 82 0.20 28.57 -0.24
CA MET B 82 0.33 27.61 0.84
C MET B 82 0.01 28.20 2.18
N ALA B 83 0.34 29.49 2.38
CA ALA B 83 0.08 30.23 3.60
C ALA B 83 -1.42 30.34 3.83
N LYS B 84 -2.18 30.57 2.77
CA LYS B 84 -3.63 30.69 2.84
C LYS B 84 -4.36 29.31 2.88
N CYS B 85 -3.92 28.37 2.03
CA CYS B 85 -4.52 27.06 1.84
C CYS B 85 -3.93 25.89 2.61
N GLN B 86 -4.71 25.36 3.56
CA GLN B 86 -4.34 24.19 4.37
C GLN B 86 -5.54 23.22 4.33
N HIS B 87 -5.33 22.03 3.73
CA HIS B 87 -6.36 21.03 3.56
C HIS B 87 -5.75 19.63 3.47
N GLU B 88 -6.51 18.60 3.88
CA GLU B 88 -6.08 17.19 3.87
C GLU B 88 -5.73 16.64 2.46
N ASN B 89 -6.20 17.34 1.40
CA ASN B 89 -5.94 16.95 0.02
C ASN B 89 -5.01 17.92 -0.69
N LEU B 90 -4.21 18.63 0.11
CA LEU B 90 -3.18 19.52 -0.38
C LEU B 90 -1.90 19.14 0.30
N VAL B 91 -0.82 19.30 -0.41
CA VAL B 91 0.52 19.03 0.09
C VAL B 91 0.84 20.11 1.18
N GLU B 92 1.69 19.80 2.15
CA GLU B 92 2.01 20.72 3.24
C GLU B 92 3.45 21.25 3.11
N LEU B 93 3.58 22.58 3.20
CA LEU B 93 4.87 23.26 3.16
C LEU B 93 5.38 23.42 4.59
N LEU B 94 6.61 23.01 4.84
CA LEU B 94 7.18 23.15 6.18
C LEU B 94 7.99 24.46 6.26
N GLY B 95 8.74 24.71 5.20
CA GLY B 95 9.56 25.89 5.04
C GLY B 95 10.04 26.12 3.63
N PHE B 96 11.13 26.89 3.51
CA PHE B 96 11.76 27.32 2.25
C PHE B 96 13.17 27.85 2.52
N SER B 97 13.93 28.08 1.46
CA SER B 97 15.27 28.66 1.48
C SER B 97 15.41 29.56 0.26
N SER B 98 15.76 30.84 0.48
CA SER B 98 15.94 31.82 -0.59
C SER B 98 17.30 32.52 -0.51
N ASP B 99 18.31 31.82 0.07
CA ASP B 99 19.68 32.31 0.24
C ASP B 99 20.44 32.31 -1.11
N GLY B 100 20.50 33.49 -1.74
CA GLY B 100 21.16 33.72 -3.02
C GLY B 100 20.39 33.26 -4.24
N ASP B 101 21.11 32.70 -5.24
CA ASP B 101 20.56 32.19 -6.51
C ASP B 101 19.75 30.90 -6.39
N ASP B 102 19.94 30.12 -5.29
CA ASP B 102 19.21 28.86 -5.07
C ASP B 102 17.94 29.03 -4.23
N LEU B 103 16.82 28.59 -4.80
CA LEU B 103 15.49 28.67 -4.21
C LEU B 103 14.97 27.26 -3.92
N CYS B 104 14.67 26.98 -2.64
CA CYS B 104 14.20 25.68 -2.18
C CYS B 104 12.87 25.75 -1.47
N LEU B 105 12.10 24.69 -1.64
CA LEU B 105 10.82 24.54 -0.95
C LEU B 105 10.83 23.18 -0.22
N VAL B 106 10.56 23.22 1.08
CA VAL B 106 10.58 22.04 1.94
C VAL B 106 9.15 21.62 2.28
N TYR B 107 8.80 20.35 1.98
CA TYR B 107 7.47 19.78 2.17
C TYR B 107 7.50 18.52 3.02
N VAL B 108 6.31 18.12 3.50
CA VAL B 108 6.15 16.84 4.20
C VAL B 108 6.18 15.82 3.07
N TYR B 109 7.23 14.99 3.03
CA TYR B 109 7.46 13.91 2.08
C TYR B 109 6.21 13.03 1.87
N MET B 110 5.98 12.57 0.61
CA MET B 110 4.89 11.66 0.23
C MET B 110 5.35 10.19 0.01
N PRO B 111 4.96 9.22 0.89
CA PRO B 111 5.47 7.83 0.76
C PRO B 111 5.14 7.08 -0.54
N ASN B 112 4.06 7.47 -1.20
CA ASN B 112 3.67 6.84 -2.45
C ASN B 112 3.88 7.66 -3.71
N GLY B 113 4.74 8.69 -3.63
CA GLY B 113 5.08 9.59 -4.74
C GLY B 113 3.88 10.16 -5.48
N SER B 114 3.99 10.27 -6.82
CA SER B 114 2.95 10.83 -7.68
C SER B 114 2.04 9.78 -8.27
N LEU B 115 0.80 10.21 -8.61
CA LEU B 115 -0.21 9.38 -9.27
C LEU B 115 0.32 8.89 -10.64
N LEU B 116 1.05 9.77 -11.36
CA LEU B 116 1.68 9.45 -12.65
C LEU B 116 2.53 8.19 -12.47
N ASP B 117 3.49 8.24 -11.52
CA ASP B 117 4.41 7.15 -11.26
C ASP B 117 3.74 5.85 -10.82
N ARG B 118 2.68 5.96 -10.02
CA ARG B 118 1.92 4.81 -9.54
C ARG B 118 1.08 4.18 -10.63
N LEU B 119 0.60 5.01 -11.59
CA LEU B 119 -0.16 4.53 -12.74
C LEU B 119 0.76 3.80 -13.71
N SER B 120 2.04 4.18 -13.75
CA SER B 120 2.99 3.51 -14.65
C SER B 120 3.72 2.37 -13.96
N CYS B 121 3.47 2.18 -12.64
CA CYS B 121 4.15 1.23 -11.75
C CYS B 121 5.67 1.47 -11.69
N LEU B 122 6.09 2.74 -11.72
CA LEU B 122 7.49 3.13 -11.64
C LEU B 122 8.16 2.56 -10.37
N ASP B 123 9.35 1.94 -10.55
CA ASP B 123 10.15 1.30 -9.48
C ASP B 123 9.52 0.04 -8.87
N GLY B 124 8.66 -0.61 -9.68
CA GLY B 124 8.03 -1.87 -9.32
C GLY B 124 6.93 -1.83 -8.30
N THR B 125 6.29 -0.69 -8.14
CA THR B 125 5.14 -0.58 -7.23
C THR B 125 3.95 -1.36 -7.82
N PRO B 126 3.05 -1.94 -7.00
CA PRO B 126 1.95 -2.72 -7.59
C PRO B 126 0.91 -1.85 -8.29
N PRO B 127 0.22 -2.35 -9.34
CA PRO B 127 -0.82 -1.49 -10.00
C PRO B 127 -1.92 -1.07 -9.01
N LEU B 128 -2.42 0.16 -9.10
CA LEU B 128 -3.50 0.63 -8.24
C LEU B 128 -4.81 -0.04 -8.67
N SER B 129 -5.56 -0.55 -7.73
CA SER B 129 -6.87 -1.14 -8.02
C SER B 129 -7.90 -0.04 -8.34
N TRP B 130 -9.03 -0.46 -8.96
CA TRP B 130 -10.15 0.44 -9.33
C TRP B 130 -10.66 1.21 -8.14
N HIS B 131 -10.89 0.49 -7.02
CA HIS B 131 -11.39 1.02 -5.76
C HIS B 131 -10.52 2.17 -5.28
N MET B 132 -9.17 1.92 -5.30
CA MET B 132 -8.19 2.92 -4.91
C MET B 132 -8.24 4.13 -5.86
N ARG B 133 -8.37 3.89 -7.20
CA ARG B 133 -8.47 4.96 -8.20
C ARG B 133 -9.66 5.86 -7.98
N CYS B 134 -10.77 5.31 -7.49
CA CYS B 134 -11.98 6.07 -7.17
C CYS B 134 -11.76 6.96 -5.93
N LYS B 135 -11.20 6.39 -4.84
CA LYS B 135 -10.86 7.15 -3.64
C LYS B 135 -9.88 8.29 -4.00
N ILE B 136 -8.90 8.05 -4.88
CA ILE B 136 -7.94 9.05 -5.33
C ILE B 136 -8.60 10.18 -6.13
N ALA B 137 -9.45 9.83 -7.13
CA ALA B 137 -10.19 10.78 -7.97
C ALA B 137 -10.99 11.71 -7.03
N GLN B 138 -11.72 11.10 -6.05
CA GLN B 138 -12.51 11.78 -5.03
C GLN B 138 -11.67 12.78 -4.22
N GLY B 139 -10.54 12.31 -3.69
CA GLY B 139 -9.62 13.13 -2.92
C GLY B 139 -9.08 14.31 -3.68
N ALA B 140 -8.56 14.05 -4.88
CA ALA B 140 -8.03 15.07 -5.77
C ALA B 140 -9.12 16.10 -6.11
N ALA B 141 -10.38 15.65 -6.25
CA ALA B 141 -11.51 16.56 -6.48
C ALA B 141 -11.76 17.44 -5.24
N ASN B 142 -11.47 16.93 -4.03
CA ASN B 142 -11.67 17.70 -2.80
C ASN B 142 -10.65 18.83 -2.65
N GLY B 143 -9.37 18.53 -2.98
CA GLY B 143 -8.26 19.46 -2.99
C GLY B 143 -8.50 20.61 -3.94
N ILE B 144 -8.86 20.30 -5.23
CA ILE B 144 -9.22 21.29 -6.27
C ILE B 144 -10.38 22.13 -5.77
N ASN B 145 -11.43 21.48 -5.25
CA ASN B 145 -12.58 22.17 -4.72
C ASN B 145 -12.22 23.16 -3.61
N PHE B 146 -11.28 22.79 -2.73
CA PHE B 146 -10.85 23.68 -1.66
C PHE B 146 -10.17 24.91 -2.25
N LEU B 147 -9.28 24.71 -3.24
CA LEU B 147 -8.59 25.80 -3.93
C LEU B 147 -9.55 26.74 -4.63
N HIS B 148 -10.57 26.18 -5.30
CA HIS B 148 -11.60 26.94 -6.02
C HIS B 148 -12.46 27.76 -5.07
N GLU B 149 -12.89 27.15 -3.92
CA GLU B 149 -13.65 27.81 -2.85
C GLU B 149 -12.82 28.97 -2.27
N ASN B 150 -11.50 28.85 -2.34
CA ASN B 150 -10.59 29.87 -1.83
C ASN B 150 -10.10 30.77 -2.94
N HIS B 151 -10.85 30.82 -4.07
CA HIS B 151 -10.60 31.70 -5.21
C HIS B 151 -9.20 31.57 -5.77
N HIS B 152 -8.77 30.32 -5.98
CA HIS B 152 -7.49 30.01 -6.56
C HIS B 152 -7.67 29.08 -7.73
N ILE B 153 -6.87 29.32 -8.78
CA ILE B 153 -6.80 28.47 -9.97
C ILE B 153 -5.41 27.85 -9.90
N HIS B 154 -5.34 26.51 -9.97
CA HIS B 154 -4.07 25.79 -9.87
C HIS B 154 -3.17 26.08 -11.05
N ARG B 155 -3.73 26.01 -12.26
CA ARG B 155 -3.01 26.23 -13.55
C ARG B 155 -2.06 25.06 -14.00
N ASP B 156 -1.89 24.00 -13.19
CA ASP B 156 -1.04 22.85 -13.58
C ASP B 156 -1.52 21.52 -13.01
N ILE B 157 -2.82 21.25 -13.19
CA ILE B 157 -3.45 20.02 -12.74
C ILE B 157 -3.06 18.88 -13.68
N LYS B 158 -2.27 17.97 -13.13
CA LYS B 158 -1.80 16.80 -13.85
C LYS B 158 -1.46 15.75 -12.81
N SER B 159 -1.39 14.49 -13.26
CA SER B 159 -1.11 13.39 -12.37
C SER B 159 0.27 13.45 -11.68
N ALA B 160 1.27 14.11 -12.29
CA ALA B 160 2.59 14.29 -11.66
C ALA B 160 2.44 15.20 -10.44
N ASN B 161 1.40 16.08 -10.46
CA ASN B 161 1.05 17.03 -9.39
C ASN B 161 -0.02 16.53 -8.40
N ILE B 162 -0.42 15.24 -8.48
CA ILE B 162 -1.35 14.66 -7.54
C ILE B 162 -0.50 13.62 -6.81
N LEU B 163 -0.10 13.95 -5.59
CA LEU B 163 0.74 13.08 -4.79
C LEU B 163 -0.05 12.17 -3.87
N LEU B 164 0.61 11.08 -3.40
CA LEU B 164 -0.03 10.05 -2.57
C LEU B 164 0.71 9.76 -1.29
N ASP B 165 0.02 9.88 -0.14
CA ASP B 165 0.61 9.60 1.18
C ASP B 165 0.61 8.07 1.47
N GLU B 166 1.06 7.65 2.66
CA GLU B 166 1.10 6.24 3.05
C GLU B 166 -0.27 5.52 2.91
N ALA B 167 -1.39 6.27 3.12
CA ALA B 167 -2.75 5.69 3.01
C ALA B 167 -3.35 5.89 1.61
N PHE B 168 -2.55 6.44 0.64
CA PHE B 168 -2.96 6.76 -0.73
C PHE B 168 -3.96 7.90 -0.79
N THR B 169 -3.82 8.87 0.15
CA THR B 169 -4.62 10.08 0.16
C THR B 169 -4.04 10.97 -0.92
N ALA B 170 -4.93 11.49 -1.81
CA ALA B 170 -4.52 12.37 -2.90
C ALA B 170 -4.17 13.73 -2.31
N LYS B 171 -3.03 14.28 -2.74
CA LYS B 171 -2.57 15.57 -2.30
C LYS B 171 -2.06 16.36 -3.48
N ILE B 172 -2.79 17.43 -3.82
CA ILE B 172 -2.46 18.35 -4.93
C ILE B 172 -1.18 19.12 -4.54
N SER B 173 -0.21 19.20 -5.45
CA SER B 173 1.06 19.90 -5.23
C SER B 173 1.33 20.88 -6.38
N ASP B 174 2.47 21.58 -6.32
CA ASP B 174 2.96 22.55 -7.30
C ASP B 174 2.02 23.71 -7.56
N PHE B 175 2.08 24.71 -6.68
CA PHE B 175 1.27 25.93 -6.74
C PHE B 175 2.06 27.15 -7.25
N GLY B 176 3.22 26.91 -7.88
CA GLY B 176 4.09 27.94 -8.44
C GLY B 176 3.44 28.75 -9.55
N LEU B 177 2.46 28.16 -10.28
CA LEU B 177 1.71 28.80 -11.36
C LEU B 177 0.29 29.20 -10.94
N ALA B 178 -0.10 28.92 -9.68
CA ALA B 178 -1.44 29.26 -9.18
C ALA B 178 -1.78 30.75 -9.22
N ARG B 179 -3.07 31.07 -9.41
CA ARG B 179 -3.53 32.47 -9.46
C ARG B 179 -4.73 32.71 -8.57
N ALA B 180 -4.82 33.89 -7.98
CA ALA B 180 -6.00 34.29 -7.21
C ALA B 180 -6.94 35.05 -8.16
N SER B 181 -8.21 34.62 -8.31
CA SER B 181 -9.13 35.32 -9.22
C SER B 181 -10.29 36.00 -8.51
N TPO B 187 -12.58 35.64 -16.39
CA TPO B 187 -11.58 35.18 -17.36
CB TPO B 187 -12.24 34.46 -18.55
C TPO B 187 -10.61 36.30 -17.75
O TPO B 187 -11.03 37.32 -18.32
N VAL B 188 -9.31 36.11 -17.43
CA VAL B 188 -8.24 37.08 -17.73
C VAL B 188 -7.24 36.57 -18.80
N MET B 189 -6.16 37.32 -19.09
CA MET B 189 -5.17 36.96 -20.11
C MET B 189 -3.72 37.11 -19.63
N TPO B 190 -2.78 36.49 -20.34
CA TPO B 190 -1.35 36.57 -20.00
CB TPO B 190 -0.97 35.45 -18.97
CG2 TPO B 190 -1.19 34.04 -19.56
OG1 TPO B 190 0.43 35.49 -18.52
P TPO B 190 0.80 36.52 -17.40
O1P TPO B 190 1.33 37.81 -18.06
O2P TPO B 190 -0.42 36.81 -16.50
O3P TPO B 190 1.96 35.91 -16.60
C TPO B 190 -0.45 36.50 -21.23
O TPO B 190 -0.83 35.93 -22.25
N SEP B 191 0.76 37.09 -21.12
CA SEP B 191 1.77 37.09 -22.19
CB SEP B 191 2.52 38.38 -22.49
OG SEP B 191 3.31 38.81 -21.38
C SEP B 191 2.72 35.90 -22.09
O SEP B 191 3.41 35.58 -23.06
P SEP B 191 2.81 40.23 -20.93
O1P SEP B 191 3.62 40.69 -19.72
O2P SEP B 191 1.34 40.24 -20.45
O3P SEP B 191 3.01 41.24 -22.09
N ARG B 192 2.74 35.23 -20.90
CA ARG B 192 3.56 34.04 -20.66
C ARG B 192 2.63 32.81 -20.47
N ILE B 193 2.56 31.95 -21.51
CA ILE B 193 1.73 30.73 -21.51
C ILE B 193 2.50 29.61 -20.81
N VAL B 194 1.91 29.08 -19.71
CA VAL B 194 2.52 28.05 -18.86
C VAL B 194 1.58 26.91 -18.48
N GLY B 195 2.17 25.72 -18.32
CA GLY B 195 1.51 24.48 -17.92
C GLY B 195 2.04 23.32 -18.72
N THR B 196 1.38 22.14 -18.63
CA THR B 196 1.78 20.97 -19.41
C THR B 196 0.76 20.79 -20.53
N THR B 197 1.20 21.11 -21.77
CA THR B 197 0.37 21.13 -22.97
C THR B 197 -0.59 19.94 -23.11
N ALA B 198 -0.11 18.74 -22.73
CA ALA B 198 -0.88 17.51 -22.81
C ALA B 198 -2.16 17.49 -21.96
N TYR B 199 -2.23 18.34 -20.93
CA TYR B 199 -3.36 18.44 -20.01
C TYR B 199 -4.14 19.73 -20.18
N MET B 200 -3.51 20.74 -20.76
CA MET B 200 -4.05 22.08 -20.92
C MET B 200 -5.30 22.21 -21.77
N ALA B 201 -6.27 22.99 -21.26
CA ALA B 201 -7.50 23.32 -21.95
C ALA B 201 -7.14 24.18 -23.17
N PRO B 202 -7.89 24.09 -24.31
CA PRO B 202 -7.50 24.89 -25.49
C PRO B 202 -7.29 26.38 -25.20
N GLU B 203 -8.19 27.02 -24.42
CA GLU B 203 -8.10 28.43 -24.07
C GLU B 203 -6.84 28.75 -23.25
N ALA B 204 -6.42 27.80 -22.40
CA ALA B 204 -5.23 27.96 -21.56
C ALA B 204 -4.01 28.01 -22.45
N LEU B 205 -4.01 27.19 -23.54
CA LEU B 205 -2.93 27.16 -24.53
C LEU B 205 -2.83 28.48 -25.27
N ARG B 206 -3.86 29.34 -25.17
CA ARG B 206 -3.87 30.68 -25.78
C ARG B 206 -3.86 31.84 -24.74
N GLY B 207 -3.30 31.58 -23.57
CA GLY B 207 -3.15 32.59 -22.51
C GLY B 207 -4.32 32.89 -21.59
N GLU B 208 -5.55 32.44 -21.91
CA GLU B 208 -6.72 32.68 -21.07
C GLU B 208 -6.63 31.91 -19.71
N ILE B 209 -6.82 32.63 -18.59
CA ILE B 209 -6.73 32.15 -17.20
C ILE B 209 -8.16 32.06 -16.59
N THR B 210 -8.65 30.83 -16.37
CA THR B 210 -10.01 30.58 -15.84
C THR B 210 -10.07 29.32 -14.98
N PRO B 211 -10.87 29.27 -13.89
CA PRO B 211 -10.95 28.04 -13.08
C PRO B 211 -11.48 26.85 -13.87
N LYS B 212 -12.22 27.13 -14.97
CA LYS B 212 -12.80 26.12 -15.87
C LYS B 212 -11.70 25.35 -16.61
N SER B 213 -10.48 25.92 -16.73
CA SER B 213 -9.31 25.27 -17.33
C SER B 213 -8.82 24.10 -16.44
N ASP B 214 -8.89 24.28 -15.10
CA ASP B 214 -8.54 23.28 -14.10
C ASP B 214 -9.44 22.06 -14.23
N ILE B 215 -10.73 22.27 -14.53
CA ILE B 215 -11.73 21.21 -14.74
C ILE B 215 -11.35 20.37 -15.96
N TYR B 216 -10.91 21.02 -17.05
CA TYR B 216 -10.49 20.32 -18.27
C TYR B 216 -9.27 19.45 -17.98
N SER B 217 -8.25 19.99 -17.29
CA SER B 217 -7.03 19.28 -16.92
C SER B 217 -7.31 18.05 -16.03
N PHE B 218 -8.29 18.19 -15.13
CA PHE B 218 -8.72 17.10 -14.26
C PHE B 218 -9.40 15.98 -15.06
N GLY B 219 -10.07 16.35 -16.15
CA GLY B 219 -10.71 15.41 -17.06
C GLY B 219 -9.67 14.54 -17.74
N VAL B 220 -8.48 15.11 -18.07
CA VAL B 220 -7.35 14.39 -18.69
C VAL B 220 -6.82 13.39 -17.65
N VAL B 221 -6.77 13.81 -16.38
CA VAL B 221 -6.33 12.99 -15.27
C VAL B 221 -7.28 11.80 -15.10
N LEU B 222 -8.59 12.04 -15.17
CA LEU B 222 -9.57 10.95 -15.07
C LEU B 222 -9.39 9.94 -16.20
N LEU B 223 -9.03 10.41 -17.42
CA LEU B 223 -8.73 9.50 -18.52
C LEU B 223 -7.47 8.69 -18.21
N GLU B 224 -6.45 9.30 -17.56
CA GLU B 224 -5.23 8.61 -17.17
C GLU B 224 -5.61 7.54 -16.15
N ILE B 225 -6.48 7.90 -15.19
CA ILE B 225 -6.94 6.96 -14.16
C ILE B 225 -7.67 5.73 -14.79
N ILE B 226 -8.53 5.94 -15.80
CA ILE B 226 -9.24 4.82 -16.42
C ILE B 226 -8.31 3.91 -17.25
N THR B 227 -7.42 4.53 -18.03
CA THR B 227 -6.56 3.85 -18.99
C THR B 227 -5.19 3.41 -18.49
N GLY B 228 -4.67 4.09 -17.50
CA GLY B 228 -3.32 3.82 -16.98
C GLY B 228 -2.25 4.35 -17.91
N LEU B 229 -2.66 5.13 -18.92
CA LEU B 229 -1.79 5.73 -19.93
C LEU B 229 -1.44 7.16 -19.59
N PRO B 230 -0.16 7.59 -19.77
CA PRO B 230 0.17 9.00 -19.53
C PRO B 230 -0.49 9.91 -20.58
N ALA B 231 -0.78 11.19 -20.26
CA ALA B 231 -1.44 12.15 -21.18
C ALA B 231 -0.71 12.30 -22.51
N VAL B 232 0.63 12.22 -22.46
CA VAL B 232 1.51 12.25 -23.61
C VAL B 232 2.55 11.13 -23.46
N ASP B 233 2.82 10.42 -24.57
CA ASP B 233 3.81 9.36 -24.63
C ASP B 233 4.39 9.41 -26.03
N GLU B 234 5.66 9.84 -26.13
CA GLU B 234 6.44 9.97 -27.34
C GLU B 234 6.51 8.65 -28.13
N HIS B 235 6.53 7.52 -27.44
CA HIS B 235 6.61 6.19 -28.03
C HIS B 235 5.24 5.51 -28.18
N ARG B 236 4.17 6.30 -28.36
CA ARG B 236 2.82 5.76 -28.47
C ARG B 236 2.02 6.37 -29.61
N GLU B 237 1.17 5.54 -30.24
CA GLU B 237 0.27 5.96 -31.30
C GLU B 237 -1.16 5.71 -30.78
N PRO B 238 -1.93 6.78 -30.46
CA PRO B 238 -1.59 8.18 -30.60
C PRO B 238 -0.81 8.69 -29.40
N GLN B 239 0.19 9.55 -29.66
CA GLN B 239 1.06 10.21 -28.70
C GLN B 239 0.26 10.99 -27.62
N LEU B 240 -0.90 11.59 -27.99
CA LEU B 240 -1.74 12.35 -27.05
C LEU B 240 -2.98 11.57 -26.67
N LEU B 241 -3.23 11.43 -25.35
CA LEU B 241 -4.37 10.71 -24.76
C LEU B 241 -5.69 11.38 -25.16
N LEU B 242 -5.66 12.70 -25.35
CA LEU B 242 -6.80 13.49 -25.81
C LEU B 242 -7.31 12.97 -27.18
N ASP B 243 -6.41 12.42 -28.04
CA ASP B 243 -6.79 11.82 -29.34
C ASP B 243 -7.66 10.57 -29.19
N ILE B 244 -7.46 9.79 -28.08
CA ILE B 244 -8.23 8.58 -27.73
C ILE B 244 -9.67 8.98 -27.45
N LYS B 245 -9.84 10.20 -26.90
CA LYS B 245 -11.15 10.74 -26.63
C LYS B 245 -11.92 10.89 -27.95
N GLU B 246 -11.26 11.45 -28.97
CA GLU B 246 -11.81 11.69 -30.31
C GLU B 246 -12.25 10.37 -30.94
N GLU B 247 -11.40 9.32 -30.85
CA GLU B 247 -11.67 7.96 -31.33
C GLU B 247 -12.95 7.37 -30.72
N ILE B 248 -13.17 7.59 -29.40
CA ILE B 248 -14.34 7.13 -28.68
C ILE B 248 -15.57 7.92 -29.11
N GLU B 249 -15.44 9.26 -29.12
CA GLU B 249 -16.53 10.15 -29.51
C GLU B 249 -16.94 10.03 -30.99
N ASP B 250 -15.99 9.66 -31.87
CA ASP B 250 -16.29 9.37 -33.26
C ASP B 250 -16.63 7.89 -33.45
N GLU B 251 -17.19 7.24 -32.39
CA GLU B 251 -17.64 5.83 -32.34
C GLU B 251 -16.68 4.75 -32.93
N GLU B 252 -15.44 5.13 -33.29
CA GLU B 252 -14.41 4.26 -33.86
C GLU B 252 -13.87 3.23 -32.81
N LYS B 253 -13.99 3.56 -31.50
CA LYS B 253 -13.57 2.76 -30.34
C LYS B 253 -14.50 3.06 -29.14
N THR B 254 -14.40 2.25 -28.05
CA THR B 254 -15.15 2.46 -26.80
C THR B 254 -14.18 2.61 -25.63
N ILE B 255 -14.69 3.07 -24.48
CA ILE B 255 -13.87 3.21 -23.28
C ILE B 255 -13.35 1.84 -22.81
N GLU B 256 -14.15 0.78 -23.04
CA GLU B 256 -13.86 -0.62 -22.72
C GLU B 256 -12.59 -1.09 -23.39
N ASP B 257 -12.34 -0.62 -24.61
CA ASP B 257 -11.14 -0.96 -25.35
C ASP B 257 -9.91 -0.34 -24.69
N TYR B 258 -10.11 0.72 -23.86
CA TYR B 258 -9.02 1.46 -23.21
C TYR B 258 -8.84 1.28 -21.70
N ILE B 259 -9.78 0.57 -21.02
CA ILE B 259 -9.69 0.30 -19.58
C ILE B 259 -8.34 -0.37 -19.29
N ASP B 260 -7.59 0.17 -18.31
CA ASP B 260 -6.30 -0.32 -17.89
C ASP B 260 -6.37 -1.83 -17.63
N LYS B 261 -5.59 -2.63 -18.41
CA LYS B 261 -5.60 -4.10 -18.21
C LYS B 261 -4.90 -4.55 -16.89
N LYS B 262 -4.15 -3.62 -16.22
CA LYS B 262 -3.44 -3.84 -14.95
C LYS B 262 -4.37 -3.83 -13.73
N MET B 263 -5.64 -4.03 -13.98
CA MET B 263 -6.62 -4.11 -12.91
C MET B 263 -7.63 -5.19 -13.14
N ASN B 264 -8.14 -5.81 -12.06
CA ASN B 264 -9.12 -6.91 -12.16
C ASN B 264 -10.49 -6.57 -11.55
N ASP B 265 -10.54 -5.54 -10.68
CA ASP B 265 -11.72 -5.10 -9.93
C ASP B 265 -12.52 -3.95 -10.59
N ALA B 266 -12.51 -3.84 -11.92
CA ALA B 266 -13.19 -2.72 -12.57
C ALA B 266 -14.48 -3.06 -13.29
N ASP B 267 -15.65 -2.84 -12.63
CA ASP B 267 -16.92 -3.09 -13.28
C ASP B 267 -17.22 -2.01 -14.32
N SER B 268 -17.73 -2.42 -15.50
CA SER B 268 -17.99 -1.51 -16.62
C SER B 268 -18.94 -0.32 -16.36
N THR B 269 -19.84 -0.46 -15.37
CA THR B 269 -20.81 0.54 -14.93
C THR B 269 -20.10 1.76 -14.34
N SER B 270 -19.25 1.55 -13.31
CA SER B 270 -18.51 2.66 -12.69
C SER B 270 -17.43 3.21 -13.61
N VAL B 271 -16.82 2.34 -14.43
CA VAL B 271 -15.82 2.81 -15.38
C VAL B 271 -16.47 3.82 -16.36
N GLU B 272 -17.66 3.46 -16.94
CA GLU B 272 -18.44 4.34 -17.84
C GLU B 272 -18.94 5.57 -17.08
N ALA B 273 -19.26 5.42 -15.77
CA ALA B 273 -19.70 6.53 -14.91
C ALA B 273 -18.58 7.58 -14.81
N MET B 274 -17.32 7.13 -14.59
CA MET B 274 -16.14 8.01 -14.51
C MET B 274 -15.82 8.61 -15.89
N TYR B 275 -15.97 7.82 -16.99
CA TYR B 275 -15.72 8.34 -18.35
C TYR B 275 -16.67 9.47 -18.66
N SER B 276 -17.94 9.35 -18.22
CA SER B 276 -18.99 10.36 -18.36
C SER B 276 -18.53 11.69 -17.70
N VAL B 277 -17.99 11.64 -16.46
CA VAL B 277 -17.49 12.83 -15.76
C VAL B 277 -16.34 13.45 -16.57
N ALA B 278 -15.38 12.60 -17.02
CA ALA B 278 -14.22 13.02 -17.80
C ALA B 278 -14.65 13.70 -19.11
N SER B 279 -15.63 13.14 -19.83
CA SER B 279 -16.09 13.73 -21.09
C SER B 279 -16.82 15.05 -20.86
N GLN B 280 -17.52 15.18 -19.71
CA GLN B 280 -18.17 16.43 -19.33
C GLN B 280 -17.10 17.48 -19.06
N CYS B 281 -16.00 17.08 -18.36
CA CYS B 281 -14.84 17.93 -18.06
C CYS B 281 -14.12 18.36 -19.34
N LEU B 282 -14.12 17.48 -20.34
CA LEU B 282 -13.44 17.73 -21.59
C LEU B 282 -14.27 18.38 -22.73
N HIS B 283 -15.34 19.14 -22.37
CA HIS B 283 -16.19 19.90 -23.28
C HIS B 283 -15.42 21.03 -23.97
N GLU B 284 -15.68 21.24 -25.28
CA GLU B 284 -15.07 22.31 -26.07
C GLU B 284 -15.38 23.64 -25.37
N LYS B 285 -16.68 23.97 -25.28
CA LYS B 285 -17.17 25.20 -24.67
C LYS B 285 -16.96 25.17 -23.15
N LYS B 286 -16.02 26.01 -22.66
CA LYS B 286 -15.65 26.15 -21.25
C LYS B 286 -16.86 26.27 -20.32
N ASN B 287 -17.88 27.02 -20.75
CA ASN B 287 -19.11 27.20 -19.94
C ASN B 287 -20.00 25.96 -19.85
N LYS B 288 -19.79 24.97 -20.73
CA LYS B 288 -20.57 23.71 -20.74
C LYS B 288 -19.94 22.64 -19.81
N ARG B 289 -18.66 22.84 -19.40
CA ARG B 289 -17.98 21.95 -18.46
C ARG B 289 -18.62 22.11 -17.07
N PRO B 290 -18.65 21.05 -16.22
CA PRO B 290 -19.22 21.22 -14.87
C PRO B 290 -18.26 21.98 -13.96
N ASP B 291 -18.78 22.53 -12.85
CA ASP B 291 -17.91 23.17 -11.88
C ASP B 291 -17.43 22.05 -10.93
N ILE B 292 -16.36 22.33 -10.15
CA ILE B 292 -15.77 21.37 -9.24
C ILE B 292 -16.73 20.69 -8.25
N LYS B 293 -17.70 21.45 -7.64
CA LYS B 293 -18.70 20.84 -6.74
C LYS B 293 -19.55 19.81 -7.47
N LYS B 294 -19.84 20.04 -8.78
CA LYS B 294 -20.61 19.09 -9.60
C LYS B 294 -19.77 17.83 -9.83
N VAL B 295 -18.47 18.02 -10.20
CA VAL B 295 -17.49 16.96 -10.40
C VAL B 295 -17.43 16.06 -9.12
N GLN B 296 -17.36 16.69 -7.92
CA GLN B 296 -17.34 15.97 -6.64
C GLN B 296 -18.62 15.15 -6.45
N GLN B 297 -19.79 15.78 -6.74
CA GLN B 297 -21.11 15.15 -6.61
C GLN B 297 -21.20 13.92 -7.52
N LEU B 298 -20.78 14.08 -8.78
CA LEU B 298 -20.76 12.99 -9.75
C LEU B 298 -19.83 11.84 -9.32
N LEU B 299 -18.59 12.18 -8.80
CA LEU B 299 -17.61 11.18 -8.32
C LEU B 299 -18.10 10.45 -7.06
N GLN B 300 -18.88 11.14 -6.19
CA GLN B 300 -19.46 10.54 -4.98
C GLN B 300 -20.57 9.56 -5.36
N GLU B 301 -21.39 9.94 -6.37
CA GLU B 301 -22.50 9.15 -6.91
C GLU B 301 -22.00 7.82 -7.51
N MET B 302 -20.82 7.88 -8.17
CA MET B 302 -20.09 6.82 -8.84
C MET B 302 -19.92 5.56 -7.96
N THR B 303 -19.70 5.74 -6.64
CA THR B 303 -19.47 4.66 -5.67
C THR B 303 -20.71 4.28 -4.87
N ARG C 9 1.54 -43.84 -20.25
CA ARG C 9 2.38 -42.66 -20.01
C ARG C 9 1.56 -41.49 -19.41
N PHE C 10 0.48 -41.10 -20.11
CA PHE C 10 -0.42 -40.01 -19.72
C PHE C 10 -1.82 -40.57 -19.49
N HIS C 11 -2.56 -39.97 -18.55
CA HIS C 11 -3.92 -40.39 -18.23
C HIS C 11 -4.87 -40.01 -19.36
N SER C 12 -5.64 -40.99 -19.87
CA SER C 12 -6.60 -40.71 -20.92
C SER C 12 -7.88 -40.23 -20.28
N PHE C 13 -8.29 -39.03 -20.66
CA PHE C 13 -9.49 -38.41 -20.13
C PHE C 13 -10.64 -38.54 -21.11
N SER C 14 -11.88 -38.54 -20.57
CA SER C 14 -13.13 -38.56 -21.34
C SER C 14 -13.46 -37.11 -21.59
N PHE C 15 -14.14 -36.78 -22.70
CA PHE C 15 -14.54 -35.39 -22.89
C PHE C 15 -15.53 -34.94 -21.79
N TYR C 16 -16.46 -35.83 -21.39
CA TYR C 16 -17.45 -35.59 -20.32
C TYR C 16 -16.76 -35.38 -18.95
N GLU C 17 -15.58 -36.04 -18.73
CA GLU C 17 -14.74 -35.94 -17.52
C GLU C 17 -14.17 -34.51 -17.40
N LEU C 18 -13.60 -33.99 -18.51
CA LEU C 18 -13.01 -32.65 -18.65
C LEU C 18 -14.05 -31.56 -18.67
N LYS C 19 -15.28 -31.89 -19.09
CA LYS C 19 -16.43 -31.00 -19.07
C LYS C 19 -16.74 -30.73 -17.60
N ASN C 20 -16.68 -31.80 -16.76
CA ASN C 20 -16.92 -31.67 -15.33
C ASN C 20 -15.88 -30.79 -14.65
N VAL C 21 -14.58 -31.11 -14.84
CA VAL C 21 -13.45 -30.38 -14.24
C VAL C 21 -13.40 -28.87 -14.55
N THR C 22 -13.85 -28.47 -15.74
CA THR C 22 -13.79 -27.09 -16.23
C THR C 22 -15.10 -26.30 -16.12
N ASN C 23 -16.09 -26.83 -15.33
CA ASN C 23 -17.41 -26.24 -15.14
C ASN C 23 -18.09 -26.09 -16.52
N ASN C 24 -18.00 -27.17 -17.31
CA ASN C 24 -18.49 -27.31 -18.68
C ASN C 24 -17.95 -26.24 -19.62
N PHE C 25 -16.61 -26.11 -19.63
CA PHE C 25 -15.83 -25.16 -20.42
C PHE C 25 -16.38 -23.74 -20.38
N ASP C 26 -16.57 -23.22 -19.14
CA ASP C 26 -17.07 -21.87 -18.87
C ASP C 26 -16.14 -20.85 -19.56
N GLU C 27 -16.70 -20.06 -20.50
CA GLU C 27 -15.94 -19.09 -21.27
C GLU C 27 -15.69 -17.76 -20.56
N ARG C 28 -16.26 -17.58 -19.37
CA ARG C 28 -16.05 -16.38 -18.56
C ARG C 28 -14.61 -16.41 -18.01
N PRO C 29 -13.93 -15.23 -17.88
CA PRO C 29 -12.55 -15.24 -17.39
C PRO C 29 -12.45 -15.66 -15.93
N ILE C 30 -11.32 -16.29 -15.57
CA ILE C 30 -11.04 -16.76 -14.20
C ILE C 30 -11.05 -15.60 -13.20
N SER C 31 -10.67 -14.38 -13.66
CA SER C 31 -10.64 -13.12 -12.89
C SER C 31 -12.05 -12.67 -12.43
N VAL C 32 -13.09 -13.15 -13.12
CA VAL C 32 -14.50 -12.85 -12.92
C VAL C 32 -15.25 -14.04 -12.25
N GLY C 33 -14.54 -15.16 -12.08
CA GLY C 33 -15.05 -16.37 -11.47
C GLY C 33 -15.38 -17.47 -12.46
N GLY C 34 -14.99 -17.26 -13.71
CA GLY C 34 -15.21 -18.21 -14.79
C GLY C 34 -14.07 -19.21 -14.92
N ASN C 35 -13.97 -19.86 -16.10
CA ASN C 35 -12.91 -20.85 -16.32
C ASN C 35 -11.87 -20.50 -17.38
N LYS C 36 -12.18 -19.56 -18.30
CA LYS C 36 -11.27 -19.15 -19.37
C LYS C 36 -10.00 -18.44 -18.85
N MET C 37 -8.83 -18.93 -19.26
CA MET C 37 -7.55 -18.36 -18.86
C MET C 37 -6.84 -17.62 -19.99
N GLY C 38 -7.20 -17.95 -21.21
CA GLY C 38 -6.61 -17.33 -22.40
C GLY C 38 -6.84 -18.15 -23.66
N GLU C 39 -6.39 -17.60 -24.79
CA GLU C 39 -6.55 -18.24 -26.09
C GLU C 39 -5.48 -17.87 -27.10
N GLY C 40 -5.03 -18.90 -27.82
CA GLY C 40 -4.09 -18.80 -28.92
C GLY C 40 -4.80 -19.03 -30.25
N GLY C 41 -4.02 -19.30 -31.30
CA GLY C 41 -4.55 -19.56 -32.63
C GLY C 41 -5.12 -20.96 -32.76
N PHE C 42 -4.53 -21.92 -32.02
CA PHE C 42 -4.91 -23.33 -32.03
C PHE C 42 -5.84 -23.78 -30.88
N GLY C 43 -6.32 -22.85 -30.05
CA GLY C 43 -7.25 -23.20 -28.97
C GLY C 43 -7.39 -22.23 -27.81
N VAL C 44 -8.32 -22.57 -26.88
CA VAL C 44 -8.63 -21.83 -25.64
C VAL C 44 -8.20 -22.69 -24.43
N VAL C 45 -7.58 -22.03 -23.42
CA VAL C 45 -7.10 -22.69 -22.20
C VAL C 45 -8.04 -22.41 -21.05
N TYR C 46 -8.48 -23.48 -20.36
CA TYR C 46 -9.40 -23.44 -19.21
C TYR C 46 -8.77 -23.94 -17.91
N LYS C 47 -9.22 -23.39 -16.78
CA LYS C 47 -8.79 -23.82 -15.44
C LYS C 47 -9.68 -25.00 -15.00
N GLY C 48 -9.08 -25.95 -14.30
CA GLY C 48 -9.77 -27.13 -13.80
C GLY C 48 -9.11 -27.75 -12.58
N TYR C 49 -9.76 -28.78 -12.02
CA TYR C 49 -9.24 -29.52 -10.87
C TYR C 49 -9.42 -31.01 -11.08
N VAL C 50 -8.31 -31.75 -11.14
CA VAL C 50 -8.31 -33.20 -11.29
C VAL C 50 -7.58 -33.74 -10.04
N ASN C 51 -8.31 -34.39 -9.13
CA ASN C 51 -7.82 -34.98 -7.89
C ASN C 51 -7.06 -33.97 -7.00
N ASN C 52 -7.72 -32.83 -6.70
CA ASN C 52 -7.20 -31.72 -5.88
C ASN C 52 -6.11 -30.89 -6.59
N THR C 53 -5.43 -31.46 -7.62
CA THR C 53 -4.40 -30.79 -8.42
C THR C 53 -5.11 -29.80 -9.37
N THR C 54 -4.66 -28.53 -9.41
CA THR C 54 -5.19 -27.52 -10.33
C THR C 54 -4.58 -27.83 -11.71
N VAL C 55 -5.41 -27.83 -12.77
CA VAL C 55 -4.95 -28.14 -14.14
C VAL C 55 -5.29 -27.06 -15.15
N ALA C 56 -4.56 -27.07 -16.29
CA ALA C 56 -4.80 -26.20 -17.43
C ALA C 56 -5.28 -27.12 -18.56
N VAL C 57 -6.49 -26.89 -19.07
CA VAL C 57 -7.03 -27.71 -20.15
C VAL C 57 -7.07 -26.91 -21.43
N LYS C 58 -6.26 -27.33 -22.42
CA LYS C 58 -6.24 -26.65 -23.71
C LYS C 58 -7.19 -27.36 -24.65
N LYS C 59 -8.33 -26.72 -24.97
CA LYS C 59 -9.32 -27.27 -25.90
C LYS C 59 -8.98 -26.74 -27.30
N LEU C 60 -8.44 -27.62 -28.15
CA LEU C 60 -8.01 -27.32 -29.51
C LEU C 60 -9.15 -26.84 -30.40
N ALA C 61 -8.93 -25.70 -31.09
CA ALA C 61 -9.88 -25.08 -31.99
C ALA C 61 -9.19 -24.55 -33.25
N ALA C 62 -9.75 -24.82 -34.44
CA ALA C 62 -9.20 -24.37 -35.72
C ALA C 62 -9.71 -22.97 -36.08
N THR C 68 -9.90 -30.08 -38.99
CA THR C 68 -8.74 -30.27 -39.87
C THR C 68 -7.77 -31.36 -39.37
N GLU C 69 -7.11 -32.04 -40.33
CA GLU C 69 -6.09 -33.07 -40.07
C GLU C 69 -4.83 -32.40 -39.54
N GLU C 70 -4.67 -31.07 -39.76
CA GLU C 70 -3.54 -30.28 -39.26
C GLU C 70 -3.58 -30.14 -37.75
N LEU C 71 -4.77 -29.83 -37.19
CA LEU C 71 -5.03 -29.70 -35.75
C LEU C 71 -4.79 -31.05 -35.05
N LYS C 72 -5.18 -32.17 -35.70
CA LYS C 72 -4.95 -33.52 -35.19
C LYS C 72 -3.46 -33.87 -35.25
N GLN C 73 -2.74 -33.37 -36.30
CA GLN C 73 -1.30 -33.57 -36.45
C GLN C 73 -0.57 -32.82 -35.34
N GLN C 74 -1.02 -31.57 -35.06
CA GLN C 74 -0.52 -30.66 -34.05
C GLN C 74 -0.65 -31.29 -32.65
N PHE C 75 -1.83 -31.90 -32.37
CA PHE C 75 -2.24 -32.59 -31.14
C PHE C 75 -1.31 -33.79 -30.89
N ASP C 76 -1.16 -34.66 -31.90
CA ASP C 76 -0.32 -35.85 -31.87
C ASP C 76 1.14 -35.49 -31.62
N GLN C 77 1.62 -34.36 -32.19
CA GLN C 77 3.00 -33.93 -32.01
C GLN C 77 3.25 -33.48 -30.58
N GLU C 78 2.31 -32.71 -29.97
CA GLU C 78 2.44 -32.23 -28.59
C GLU C 78 2.63 -33.44 -27.65
N ILE C 79 1.81 -34.50 -27.84
CA ILE C 79 1.86 -35.74 -27.03
C ILE C 79 3.17 -36.51 -27.27
N LYS C 80 3.60 -36.69 -28.55
CA LYS C 80 4.84 -37.38 -28.89
C LYS C 80 6.05 -36.73 -28.24
N VAL C 81 6.15 -35.38 -28.33
CA VAL C 81 7.23 -34.56 -27.74
C VAL C 81 7.22 -34.67 -26.22
N MET C 82 6.05 -34.46 -25.61
CA MET C 82 5.91 -34.50 -24.16
C MET C 82 6.26 -35.83 -23.56
N ALA C 83 5.97 -36.93 -24.29
CA ALA C 83 6.27 -38.30 -23.89
C ALA C 83 7.76 -38.49 -23.76
N LYS C 84 8.53 -37.93 -24.71
CA LYS C 84 9.99 -38.00 -24.71
C LYS C 84 10.65 -37.01 -23.76
N CYS C 85 10.17 -35.74 -23.76
CA CYS C 85 10.72 -34.62 -23.00
C CYS C 85 10.11 -34.32 -21.62
N GLN C 86 10.88 -34.57 -20.57
CA GLN C 86 10.51 -34.26 -19.18
C GLN C 86 11.68 -33.47 -18.57
N HIS C 87 11.43 -32.20 -18.21
CA HIS C 87 12.45 -31.33 -17.66
C HIS C 87 11.79 -30.27 -16.76
N GLU C 88 12.57 -29.76 -15.77
CA GLU C 88 12.10 -28.74 -14.83
C GLU C 88 11.66 -27.40 -15.49
N ASN C 89 12.10 -27.17 -16.74
CA ASN C 89 11.80 -25.94 -17.48
C ASN C 89 10.89 -26.20 -18.66
N LEU C 90 10.15 -27.30 -18.57
CA LEU C 90 9.13 -27.64 -19.57
C LEU C 90 7.86 -27.87 -18.82
N VAL C 91 6.77 -27.52 -19.45
CA VAL C 91 5.42 -27.68 -18.94
C VAL C 91 5.15 -29.19 -18.86
N GLU C 92 4.28 -29.63 -17.95
CA GLU C 92 4.01 -31.04 -17.74
C GLU C 92 2.63 -31.42 -18.25
N LEU C 93 2.55 -32.47 -19.07
CA LEU C 93 1.30 -33.00 -19.58
C LEU C 93 0.82 -34.08 -18.64
N LEU C 94 -0.41 -33.98 -18.17
CA LEU C 94 -0.98 -34.99 -17.28
C LEU C 94 -1.71 -36.01 -18.13
N GLY C 95 -2.32 -35.53 -19.20
CA GLY C 95 -3.06 -36.35 -20.14
C GLY C 95 -3.67 -35.63 -21.32
N PHE C 96 -4.67 -36.26 -21.93
CA PHE C 96 -5.35 -35.76 -23.12
C PHE C 96 -6.73 -36.37 -23.26
N SER C 97 -7.52 -35.85 -24.21
CA SER C 97 -8.84 -36.36 -24.59
C SER C 97 -8.99 -36.22 -26.10
N SER C 98 -9.27 -37.34 -26.78
CA SER C 98 -9.47 -37.36 -28.24
C SER C 98 -10.83 -38.02 -28.61
N ASP C 99 -11.81 -37.94 -27.69
CA ASP C 99 -13.16 -38.48 -27.86
C ASP C 99 -14.00 -37.63 -28.83
N GLY C 100 -14.07 -38.11 -30.07
CA GLY C 100 -14.80 -37.47 -31.15
C GLY C 100 -14.08 -36.30 -31.81
N ASP C 101 -14.85 -35.27 -32.18
CA ASP C 101 -14.38 -34.06 -32.86
C ASP C 101 -13.54 -33.12 -31.97
N ASP C 102 -13.69 -33.22 -30.63
CA ASP C 102 -12.97 -32.37 -29.67
C ASP C 102 -11.67 -32.98 -29.14
N LEU C 103 -10.59 -32.20 -29.25
CA LEU C 103 -9.25 -32.58 -28.84
C LEU C 103 -8.75 -31.71 -27.68
N CYS C 104 -8.43 -32.34 -26.54
CA CYS C 104 -7.99 -31.67 -25.32
C CYS C 104 -6.63 -32.13 -24.84
N LEU C 105 -5.91 -31.20 -24.21
CA LEU C 105 -4.61 -31.47 -23.60
C LEU C 105 -4.66 -30.94 -22.17
N VAL C 106 -4.33 -31.80 -21.21
CA VAL C 106 -4.40 -31.48 -19.79
C VAL C 106 -3.01 -31.35 -19.20
N TYR C 107 -2.75 -30.19 -18.60
CA TYR C 107 -1.45 -29.86 -18.05
C TYR C 107 -1.52 -29.47 -16.60
N VAL C 108 -0.37 -29.45 -15.94
CA VAL C 108 -0.24 -28.94 -14.58
C VAL C 108 -0.37 -27.42 -14.70
N TYR C 109 -1.40 -26.84 -14.06
CA TYR C 109 -1.70 -25.41 -14.05
C TYR C 109 -0.51 -24.59 -13.54
N MET C 110 -0.27 -23.41 -14.18
CA MET C 110 0.83 -22.49 -13.88
C MET C 110 0.29 -21.30 -13.08
N PRO C 111 0.44 -21.32 -11.72
CA PRO C 111 -0.09 -20.23 -10.89
C PRO C 111 0.25 -18.79 -11.33
N ASN C 112 1.35 -18.63 -12.11
CA ASN C 112 1.73 -17.29 -12.52
C ASN C 112 1.56 -16.95 -13.98
N GLY C 113 0.76 -17.75 -14.69
CA GLY C 113 0.45 -17.57 -16.10
C GLY C 113 1.67 -17.49 -16.99
N SER C 114 1.58 -16.65 -18.04
CA SER C 114 2.65 -16.43 -19.01
C SER C 114 3.53 -15.23 -18.64
N LEU C 115 4.78 -15.27 -19.14
CA LEU C 115 5.76 -14.21 -19.00
C LEU C 115 5.23 -12.92 -19.67
N LEU C 116 4.52 -13.07 -20.80
CA LEU C 116 3.92 -11.94 -21.54
C LEU C 116 3.00 -11.18 -20.57
N ASP C 117 2.04 -11.89 -19.94
CA ASP C 117 1.08 -11.32 -19.02
C ASP C 117 1.69 -10.70 -17.79
N ARG C 118 2.76 -11.32 -17.24
CA ARG C 118 3.47 -10.80 -16.08
C ARG C 118 4.30 -9.57 -16.41
N LEU C 119 4.82 -9.50 -17.67
CA LEU C 119 5.59 -8.35 -18.14
C LEU C 119 4.68 -7.16 -18.35
N SER C 120 3.39 -7.42 -18.68
CA SER C 120 2.44 -6.33 -18.89
C SER C 120 1.65 -6.02 -17.63
N CYS C 121 1.83 -6.84 -16.52
CA CYS C 121 1.12 -6.74 -15.23
C CYS C 121 -0.38 -6.96 -15.39
N LEU C 122 -0.74 -7.87 -16.33
CA LEU C 122 -2.12 -8.22 -16.61
C LEU C 122 -2.83 -8.68 -15.32
N ASP C 123 -4.03 -8.12 -15.08
CA ASP C 123 -4.88 -8.41 -13.92
C ASP C 123 -4.33 -7.90 -12.57
N GLY C 124 -3.50 -6.86 -12.67
CA GLY C 124 -2.90 -6.21 -11.51
C GLY C 124 -1.79 -6.91 -10.78
N THR C 125 -1.09 -7.82 -11.45
CA THR C 125 0.02 -8.53 -10.79
C THR C 125 1.22 -7.58 -10.57
N PRO C 126 2.01 -7.68 -9.49
CA PRO C 126 3.11 -6.71 -9.35
C PRO C 126 4.21 -6.91 -10.38
N PRO C 127 4.88 -5.82 -10.84
CA PRO C 127 5.96 -5.97 -11.85
C PRO C 127 7.06 -6.97 -11.44
N LEU C 128 7.58 -7.73 -12.39
CA LEU C 128 8.70 -8.66 -12.09
C LEU C 128 9.99 -7.89 -11.91
N SER C 129 10.73 -8.21 -10.87
CA SER C 129 12.01 -7.58 -10.58
C SER C 129 13.07 -8.07 -11.56
N TRP C 130 14.19 -7.33 -11.66
CA TRP C 130 15.33 -7.73 -12.48
C TRP C 130 15.86 -9.10 -12.04
N HIS C 131 15.87 -9.36 -10.71
CA HIS C 131 16.28 -10.61 -10.11
C HIS C 131 15.41 -11.77 -10.58
N MET C 132 14.07 -11.56 -10.67
CA MET C 132 13.16 -12.61 -11.13
C MET C 132 13.38 -12.87 -12.63
N ARG C 133 13.43 -11.79 -13.41
CA ARG C 133 13.68 -11.77 -14.86
C ARG C 133 14.93 -12.53 -15.27
N CYS C 134 16.05 -12.32 -14.54
CA CYS C 134 17.28 -13.07 -14.79
C CYS C 134 17.08 -14.59 -14.64
N LYS C 135 16.38 -15.06 -13.57
CA LYS C 135 16.16 -16.50 -13.33
C LYS C 135 15.26 -17.11 -14.39
N ILE C 136 14.26 -16.34 -14.89
CA ILE C 136 13.36 -16.80 -15.97
C ILE C 136 14.16 -16.99 -17.28
N ALA C 137 15.10 -16.08 -17.57
CA ALA C 137 15.98 -16.18 -18.74
C ALA C 137 16.86 -17.43 -18.64
N GLN C 138 17.42 -17.67 -17.44
CA GLN C 138 18.29 -18.82 -17.22
C GLN C 138 17.48 -20.09 -17.42
N GLY C 139 16.32 -20.11 -16.78
CA GLY C 139 15.34 -21.19 -16.83
C GLY C 139 14.93 -21.52 -18.25
N ALA C 140 14.37 -20.53 -18.99
CA ALA C 140 13.92 -20.73 -20.38
C ALA C 140 15.00 -21.30 -21.29
N ALA C 141 16.26 -20.84 -21.15
CA ALA C 141 17.40 -21.33 -21.94
C ALA C 141 17.66 -22.78 -21.65
N ASN C 142 17.47 -23.24 -20.39
CA ASN C 142 17.62 -24.66 -20.06
C ASN C 142 16.51 -25.48 -20.74
N GLY C 143 15.28 -24.93 -20.76
CA GLY C 143 14.14 -25.52 -21.45
C GLY C 143 14.42 -25.75 -22.92
N ILE C 144 14.88 -24.69 -23.63
CA ILE C 144 15.28 -24.72 -25.04
C ILE C 144 16.48 -25.68 -25.25
N ASN C 145 17.44 -25.66 -24.31
CA ASN C 145 18.61 -26.52 -24.36
C ASN C 145 18.25 -28.00 -24.26
N PHE C 146 17.31 -28.33 -23.39
CA PHE C 146 16.87 -29.69 -23.23
C PHE C 146 16.21 -30.18 -24.52
N LEU C 147 15.32 -29.36 -25.12
CA LEU C 147 14.65 -29.68 -26.36
C LEU C 147 15.65 -29.89 -27.49
N HIS C 148 16.65 -29.01 -27.58
CA HIS C 148 17.70 -29.06 -28.61
C HIS C 148 18.57 -30.32 -28.46
N GLU C 149 18.97 -30.67 -27.20
CA GLU C 149 19.73 -31.88 -26.87
C GLU C 149 18.92 -33.12 -27.27
N ASN C 150 17.59 -32.98 -27.26
CA ASN C 150 16.69 -34.08 -27.60
C ASN C 150 16.22 -33.97 -29.04
N HIS C 151 16.98 -33.22 -29.87
CA HIS C 151 16.76 -33.05 -31.31
C HIS C 151 15.36 -32.58 -31.65
N HIS C 152 14.93 -31.53 -30.96
CA HIS C 152 13.62 -30.91 -31.17
C HIS C 152 13.78 -29.43 -31.37
N ILE C 153 13.02 -28.89 -32.31
CA ILE C 153 12.95 -27.46 -32.61
C ILE C 153 11.55 -27.05 -32.17
N HIS C 154 11.45 -26.04 -31.28
CA HIS C 154 10.16 -25.59 -30.76
C HIS C 154 9.28 -24.99 -31.86
N ARG C 155 9.82 -24.05 -32.64
CA ARG C 155 9.18 -23.33 -33.76
C ARG C 155 8.22 -22.17 -33.34
N ASP C 156 7.94 -22.00 -32.03
CA ASP C 156 7.03 -20.95 -31.55
C ASP C 156 7.48 -20.36 -30.20
N ILE C 157 8.80 -20.13 -30.06
CA ILE C 157 9.37 -19.53 -28.86
C ILE C 157 8.99 -18.06 -28.77
N LYS C 158 8.25 -17.73 -27.73
CA LYS C 158 7.73 -16.40 -27.41
C LYS C 158 7.35 -16.31 -25.93
N SER C 159 7.18 -15.09 -25.41
CA SER C 159 6.85 -14.91 -24.00
C SER C 159 5.49 -15.45 -23.59
N ALA C 160 4.52 -15.52 -24.52
CA ALA C 160 3.20 -16.12 -24.27
C ALA C 160 3.37 -17.63 -24.03
N ASN C 161 4.45 -18.24 -24.58
CA ASN C 161 4.80 -19.66 -24.45
C ASN C 161 5.83 -19.99 -23.36
N ILE C 162 6.16 -18.99 -22.52
CA ILE C 162 7.06 -19.20 -21.39
C ILE C 162 6.18 -18.97 -20.20
N LEU C 163 5.81 -20.06 -19.56
CA LEU C 163 4.93 -20.00 -18.41
C LEU C 163 5.68 -19.97 -17.09
N LEU C 164 4.98 -19.54 -16.04
CA LEU C 164 5.56 -19.38 -14.71
C LEU C 164 4.79 -20.11 -13.62
N ASP C 165 5.50 -20.98 -12.89
CA ASP C 165 4.93 -21.75 -11.77
C ASP C 165 4.83 -20.91 -10.48
N GLU C 166 4.42 -21.56 -9.39
CA GLU C 166 4.32 -20.99 -8.05
C GLU C 166 5.61 -20.32 -7.55
N ALA C 167 6.79 -20.77 -7.99
CA ALA C 167 8.07 -20.19 -7.60
C ALA C 167 8.65 -19.27 -8.71
N PHE C 168 7.89 -19.03 -9.78
CA PHE C 168 8.30 -18.24 -10.96
C PHE C 168 9.37 -18.95 -11.80
N THR C 169 9.29 -20.29 -11.82
CA THR C 169 10.20 -21.10 -12.63
C THR C 169 9.65 -21.01 -14.06
N ALA C 170 10.53 -20.75 -15.02
CA ALA C 170 10.17 -20.66 -16.42
C ALA C 170 9.86 -22.06 -16.94
N LYS C 171 8.74 -22.20 -17.66
CA LYS C 171 8.35 -23.45 -18.23
C LYS C 171 7.86 -23.24 -19.63
N ILE C 172 8.64 -23.74 -20.62
CA ILE C 172 8.33 -23.65 -22.06
C ILE C 172 7.08 -24.53 -22.32
N SER C 173 6.11 -23.97 -23.06
CA SER C 173 4.87 -24.67 -23.43
C SER C 173 4.64 -24.61 -24.92
N ASP C 174 3.52 -25.19 -25.37
CA ASP C 174 3.05 -25.23 -26.77
C ASP C 174 4.01 -25.86 -27.75
N PHE C 175 4.00 -27.20 -27.79
CA PHE C 175 4.85 -28.04 -28.66
C PHE C 175 4.10 -28.59 -29.88
N GLY C 176 2.94 -28.00 -30.18
CA GLY C 176 2.12 -28.38 -31.33
C GLY C 176 2.86 -28.23 -32.65
N LEU C 177 3.68 -27.14 -32.79
CA LEU C 177 4.47 -26.85 -33.98
C LEU C 177 5.89 -27.42 -33.95
N ALA C 178 6.28 -28.08 -32.84
CA ALA C 178 7.62 -28.66 -32.67
C ALA C 178 8.00 -29.69 -33.73
N ARG C 179 9.28 -29.71 -34.11
CA ARG C 179 9.81 -30.62 -35.11
C ARG C 179 11.00 -31.41 -34.60
N ALA C 180 11.13 -32.67 -35.02
CA ALA C 180 12.26 -33.52 -34.68
C ALA C 180 13.33 -33.34 -35.76
N TPO C 187 19.11 -28.22 -41.93
CA TPO C 187 18.18 -27.17 -42.34
CB TPO C 187 18.89 -25.80 -42.64
CG2 TPO C 187 17.84 -24.76 -43.07
OG1 TPO C 187 19.53 -25.33 -41.39
P TPO C 187 21.00 -24.89 -41.53
O1P TPO C 187 21.69 -25.50 -42.77
O2P TPO C 187 21.08 -23.35 -41.68
O3P TPO C 187 21.64 -25.32 -40.20
C TPO C 187 17.27 -27.65 -43.49
O TPO C 187 17.76 -27.93 -44.58
N VAL C 188 15.95 -27.72 -43.21
CA VAL C 188 14.92 -28.14 -44.16
C VAL C 188 13.97 -26.99 -44.59
N MET C 189 12.91 -27.31 -45.37
CA MET C 189 11.95 -26.33 -45.89
C MET C 189 10.49 -26.77 -45.70
N TPO C 190 9.56 -25.81 -45.77
CA TPO C 190 8.14 -26.08 -45.63
CB TPO C 190 7.68 -26.06 -44.12
CG2 TPO C 190 7.89 -24.65 -43.53
OG1 TPO C 190 6.28 -26.42 -43.88
P TPO C 190 5.91 -27.94 -43.88
O1P TPO C 190 7.10 -28.80 -43.42
O2P TPO C 190 5.45 -28.38 -45.28
O3P TPO C 190 4.70 -28.10 -42.94
C TPO C 190 7.25 -25.17 -46.49
O TPO C 190 7.64 -24.04 -46.79
N SEP C 191 6.07 -25.66 -46.89
CA SEP C 191 5.08 -24.92 -47.67
CB SEP C 191 4.38 -25.70 -48.80
C SEP C 191 4.10 -24.17 -46.78
O SEP C 191 3.40 -23.26 -47.25
N ARG C 192 4.02 -24.54 -45.47
CA ARG C 192 3.17 -23.89 -44.47
C ARG C 192 4.03 -23.16 -43.44
N ILE C 193 4.11 -21.81 -43.57
CA ILE C 193 4.87 -20.92 -42.68
C ILE C 193 4.05 -20.65 -41.42
N VAL C 194 4.58 -21.05 -40.25
CA VAL C 194 3.92 -20.93 -38.96
C VAL C 194 4.81 -20.37 -37.83
N GLY C 195 4.18 -19.65 -36.91
CA GLY C 195 4.80 -18.98 -35.78
C GLY C 195 4.25 -17.57 -35.60
N THR C 196 4.88 -16.78 -34.72
CA THR C 196 4.48 -15.38 -34.47
C THR C 196 5.53 -14.49 -35.09
N THR C 197 5.19 -13.85 -36.23
CA THR C 197 6.07 -13.00 -37.04
C THR C 197 6.98 -12.07 -36.27
N ALA C 198 6.48 -11.46 -35.17
CA ALA C 198 7.24 -10.54 -34.33
C ALA C 198 8.46 -11.17 -33.64
N TYR C 199 8.48 -12.50 -33.51
CA TYR C 199 9.56 -13.23 -32.86
C TYR C 199 10.38 -14.04 -33.86
N MET C 200 9.80 -14.34 -35.02
CA MET C 200 10.38 -15.21 -36.04
C MET C 200 11.65 -14.69 -36.69
N ALA C 201 12.63 -15.61 -36.85
CA ALA C 201 13.89 -15.35 -37.52
C ALA C 201 13.62 -15.10 -39.02
N PRO C 202 14.41 -14.26 -39.72
CA PRO C 202 14.11 -13.99 -41.14
C PRO C 202 13.93 -15.24 -42.01
N GLU C 203 14.83 -16.24 -41.87
CA GLU C 203 14.76 -17.51 -42.63
C GLU C 203 13.50 -18.30 -42.30
N ALA C 204 13.01 -18.21 -41.06
CA ALA C 204 11.80 -18.91 -40.63
C ALA C 204 10.59 -18.31 -41.37
N LEU C 205 10.62 -16.98 -41.56
CA LEU C 205 9.57 -16.25 -42.28
C LEU C 205 9.61 -16.62 -43.79
N ARG C 206 10.82 -17.02 -44.27
CA ARG C 206 11.18 -17.43 -45.62
C ARG C 206 11.00 -18.93 -45.83
N GLY C 207 10.58 -19.62 -44.77
CA GLY C 207 10.29 -21.05 -44.81
C GLY C 207 11.33 -22.06 -44.42
N GLU C 208 12.46 -21.65 -43.81
CA GLU C 208 13.47 -22.62 -43.35
C GLU C 208 13.16 -23.13 -41.94
N ILE C 209 13.40 -24.43 -41.68
CA ILE C 209 13.22 -25.07 -40.36
C ILE C 209 14.62 -25.42 -39.81
N THR C 210 15.06 -24.68 -38.77
CA THR C 210 16.38 -24.87 -38.16
C THR C 210 16.36 -24.56 -36.66
N PRO C 211 17.10 -25.30 -35.82
CA PRO C 211 17.13 -24.98 -34.38
C PRO C 211 17.68 -23.57 -34.10
N LYS C 212 18.46 -23.01 -35.06
CA LYS C 212 19.04 -21.67 -34.96
C LYS C 212 17.94 -20.59 -34.97
N SER C 213 16.74 -20.92 -35.49
CA SER C 213 15.59 -20.01 -35.52
C SER C 213 15.05 -19.78 -34.09
N ASP C 214 15.07 -20.84 -33.26
CA ASP C 214 14.66 -20.83 -31.86
C ASP C 214 15.54 -19.86 -31.05
N ILE C 215 16.86 -19.81 -31.37
CA ILE C 215 17.84 -18.90 -30.75
C ILE C 215 17.47 -17.44 -31.04
N TYR C 216 17.07 -17.14 -32.27
CA TYR C 216 16.66 -15.79 -32.68
C TYR C 216 15.40 -15.36 -31.89
N SER C 217 14.38 -16.23 -31.81
CA SER C 217 13.14 -15.99 -31.09
C SER C 217 13.37 -15.72 -29.60
N PHE C 218 14.32 -16.45 -29.01
CA PHE C 218 14.72 -16.27 -27.61
C PHE C 218 15.38 -14.92 -27.38
N GLY C 219 16.10 -14.41 -28.39
CA GLY C 219 16.71 -13.09 -28.38
C GLY C 219 15.66 -12.00 -28.28
N VAL C 220 14.51 -12.19 -28.94
CA VAL C 220 13.39 -11.24 -28.91
C VAL C 220 12.77 -11.25 -27.50
N VAL C 221 12.72 -12.43 -26.88
CA VAL C 221 12.21 -12.64 -25.54
C VAL C 221 13.10 -11.92 -24.56
N LEU C 222 14.44 -12.03 -24.72
CA LEU C 222 15.39 -11.35 -23.83
C LEU C 222 15.21 -9.83 -23.92
N LEU C 223 14.93 -9.30 -25.12
CA LEU C 223 14.64 -7.88 -25.25
C LEU C 223 13.34 -7.52 -24.52
N GLU C 224 12.31 -8.40 -24.56
CA GLU C 224 11.05 -8.19 -23.84
C GLU C 224 11.35 -8.16 -22.36
N ILE C 225 12.20 -9.09 -21.90
CA ILE C 225 12.61 -9.15 -20.49
C ILE C 225 13.30 -7.84 -20.01
N ILE C 226 14.22 -7.30 -20.83
CA ILE C 226 14.92 -6.06 -20.45
C ILE C 226 13.98 -4.82 -20.42
N THR C 227 13.16 -4.70 -21.46
CA THR C 227 12.31 -3.54 -21.68
C THR C 227 10.89 -3.57 -21.11
N GLY C 228 10.34 -4.76 -20.92
CA GLY C 228 8.97 -4.93 -20.44
C GLY C 228 7.94 -4.63 -21.52
N LEU C 229 8.42 -4.46 -22.76
CA LEU C 229 7.61 -4.15 -23.95
C LEU C 229 7.31 -5.41 -24.73
N PRO C 230 6.07 -5.55 -25.28
CA PRO C 230 5.77 -6.73 -26.13
C PRO C 230 6.54 -6.64 -27.46
N ALA C 231 6.85 -7.78 -28.11
CA ALA C 231 7.64 -7.83 -29.37
C ALA C 231 7.05 -6.97 -30.48
N VAL C 232 5.71 -6.89 -30.52
CA VAL C 232 4.95 -6.06 -31.44
C VAL C 232 3.85 -5.37 -30.66
N ASP C 233 3.62 -4.09 -30.99
CA ASP C 233 2.59 -3.26 -30.39
C ASP C 233 2.19 -2.26 -31.46
N GLU C 234 0.99 -2.43 -32.01
CA GLU C 234 0.43 -1.57 -33.06
C GLU C 234 0.33 -0.10 -32.63
N HIS C 235 0.13 0.14 -31.33
CA HIS C 235 0.01 1.48 -30.75
C HIS C 235 1.32 2.00 -30.16
N ARG C 236 2.45 1.58 -30.74
CA ARG C 236 3.78 1.99 -30.26
C ARG C 236 4.72 2.38 -31.40
N GLU C 237 5.60 3.35 -31.11
CA GLU C 237 6.63 3.81 -32.03
C GLU C 237 7.99 3.49 -31.37
N PRO C 238 8.75 2.49 -31.88
CA PRO C 238 8.46 1.65 -33.06
C PRO C 238 7.59 0.47 -32.70
N GLN C 239 6.73 0.06 -33.63
CA GLN C 239 5.85 -1.09 -33.42
C GLN C 239 6.61 -2.37 -33.10
N LEU C 240 7.73 -2.62 -33.79
CA LEU C 240 8.54 -3.82 -33.60
C LEU C 240 9.70 -3.55 -32.68
N LEU C 241 9.82 -4.37 -31.64
CA LEU C 241 10.88 -4.30 -30.63
C LEU C 241 12.27 -4.52 -31.25
N LEU C 242 12.36 -5.29 -32.36
CA LEU C 242 13.60 -5.51 -33.11
C LEU C 242 14.19 -4.21 -33.60
N ASP C 243 13.32 -3.24 -33.96
CA ASP C 243 13.75 -1.91 -34.45
C ASP C 243 14.59 -1.17 -33.41
N ILE C 244 14.31 -1.42 -32.11
CA ILE C 244 15.01 -0.85 -30.96
C ILE C 244 16.49 -1.29 -30.97
N LYS C 245 16.77 -2.54 -31.39
CA LYS C 245 18.14 -3.07 -31.54
C LYS C 245 18.91 -2.23 -32.56
N GLU C 246 18.27 -1.88 -33.71
CA GLU C 246 18.86 -1.08 -34.79
C GLU C 246 19.26 0.30 -34.27
N GLU C 247 18.34 0.96 -33.51
CA GLU C 247 18.54 2.27 -32.86
C GLU C 247 19.76 2.28 -31.91
N ILE C 248 19.94 1.19 -31.15
CA ILE C 248 21.06 1.00 -30.22
C ILE C 248 22.33 0.78 -31.03
N GLU C 249 22.31 -0.17 -32.01
CA GLU C 249 23.45 -0.51 -32.87
C GLU C 249 23.93 0.72 -33.65
N ASP C 250 22.99 1.56 -34.14
CA ASP C 250 23.30 2.79 -34.87
C ASP C 250 23.54 3.98 -33.92
N GLU C 251 24.04 3.68 -32.69
CA GLU C 251 24.38 4.62 -31.59
C GLU C 251 23.38 5.77 -31.29
N GLU C 252 22.17 5.73 -31.90
CA GLU C 252 21.12 6.72 -31.73
C GLU C 252 20.48 6.66 -30.31
N LYS C 253 20.61 5.50 -29.61
CA LYS C 253 20.11 5.21 -28.26
C LYS C 253 21.03 4.14 -27.58
N THR C 254 20.83 3.88 -26.28
CA THR C 254 21.50 2.82 -25.49
C THR C 254 20.46 1.90 -24.88
N ILE C 255 20.89 0.71 -24.39
CA ILE C 255 19.97 -0.21 -23.73
C ILE C 255 19.37 0.40 -22.44
N GLU C 256 20.15 1.26 -21.78
CA GLU C 256 19.79 2.01 -20.57
C GLU C 256 18.56 2.87 -20.80
N ASP C 257 18.40 3.40 -22.02
CA ASP C 257 17.25 4.21 -22.38
C ASP C 257 16.00 3.34 -22.46
N TYR C 258 16.17 2.02 -22.61
CA TYR C 258 15.06 1.07 -22.76
C TYR C 258 14.74 0.14 -21.60
N ILE C 259 15.60 0.11 -20.55
CA ILE C 259 15.38 -0.68 -19.35
C ILE C 259 13.97 -0.37 -18.78
N ASP C 260 13.18 -1.43 -18.56
CA ASP C 260 11.83 -1.33 -18.01
C ASP C 260 11.83 -0.46 -16.75
N LYS C 261 11.09 0.67 -16.78
CA LYS C 261 10.96 1.58 -15.64
C LYS C 261 10.18 1.00 -14.43
N LYS C 262 9.45 -0.13 -14.65
CA LYS C 262 8.68 -0.84 -13.62
C LYS C 262 9.58 -1.70 -12.69
N MET C 263 10.91 -1.45 -12.70
CA MET C 263 11.88 -2.16 -11.86
C MET C 263 12.62 -1.17 -10.96
N ASN C 264 13.10 -1.60 -9.80
CA ASN C 264 13.95 -0.74 -8.96
C ASN C 264 15.37 -1.34 -8.70
N ASP C 265 15.55 -2.65 -8.98
CA ASP C 265 16.76 -3.44 -8.75
C ASP C 265 17.60 -3.75 -10.01
N ALA C 266 17.43 -2.98 -11.08
CA ALA C 266 18.24 -3.24 -12.27
C ALA C 266 19.64 -2.60 -12.17
N ASP C 267 20.63 -3.16 -12.89
CA ASP C 267 21.98 -2.58 -12.94
C ASP C 267 22.53 -2.65 -14.36
N SER C 268 23.26 -1.61 -14.74
CA SER C 268 23.93 -1.50 -16.03
C SER C 268 24.76 -2.76 -16.42
N THR C 269 25.48 -3.38 -15.47
CA THR C 269 26.32 -4.54 -15.79
C THR C 269 25.52 -5.74 -16.24
N SER C 270 24.57 -6.24 -15.42
CA SER C 270 23.78 -7.42 -15.82
C SER C 270 22.84 -7.13 -17.00
N VAL C 271 22.30 -5.91 -17.09
CA VAL C 271 21.44 -5.50 -18.20
C VAL C 271 22.22 -5.55 -19.50
N GLU C 272 23.45 -5.01 -19.49
CA GLU C 272 24.31 -5.02 -20.68
C GLU C 272 24.76 -6.41 -21.06
N ALA C 273 25.00 -7.27 -20.09
CA ALA C 273 25.41 -8.67 -20.32
C ALA C 273 24.29 -9.42 -21.03
N MET C 274 23.03 -9.20 -20.60
CA MET C 274 21.84 -9.81 -21.20
C MET C 274 21.59 -9.23 -22.59
N TYR C 275 21.78 -7.91 -22.78
CA TYR C 275 21.60 -7.29 -24.08
C TYR C 275 22.59 -7.88 -25.10
N SER C 276 23.85 -8.10 -24.66
CA SER C 276 24.90 -8.70 -25.46
C SER C 276 24.46 -10.09 -25.96
N VAL C 277 23.88 -10.94 -25.08
CA VAL C 277 23.39 -12.28 -25.44
C VAL C 277 22.27 -12.12 -26.49
N ALA C 278 21.31 -11.19 -26.24
CA ALA C 278 20.18 -10.92 -27.13
C ALA C 278 20.66 -10.48 -28.51
N SER C 279 21.65 -9.56 -28.59
CA SER C 279 22.13 -9.08 -29.88
C SER C 279 22.90 -10.18 -30.63
N GLN C 280 23.56 -11.11 -29.90
CA GLN C 280 24.25 -12.24 -30.51
C GLN C 280 23.19 -13.17 -31.08
N CYS C 281 22.10 -13.38 -30.34
CA CYS C 281 20.94 -14.20 -30.77
C CYS C 281 20.26 -13.60 -31.99
N LEU C 282 20.24 -12.24 -32.07
CA LEU C 282 19.51 -11.48 -33.07
C LEU C 282 20.14 -11.22 -34.46
N HIS C 283 21.29 -11.89 -34.74
CA HIS C 283 21.98 -11.83 -36.04
C HIS C 283 21.02 -12.32 -37.10
N GLU C 284 20.89 -11.55 -38.19
CA GLU C 284 20.11 -11.89 -39.38
C GLU C 284 20.67 -13.16 -40.04
N LYS C 285 22.00 -13.40 -39.92
CA LYS C 285 22.72 -14.57 -40.42
C LYS C 285 22.71 -15.71 -39.41
N LYS C 286 21.88 -16.72 -39.71
CA LYS C 286 21.65 -17.94 -38.94
C LYS C 286 22.89 -18.51 -38.28
N ASN C 287 23.98 -18.68 -39.04
CA ASN C 287 25.26 -19.26 -38.58
C ASN C 287 26.14 -18.34 -37.75
N LYS C 288 25.79 -17.04 -37.68
CA LYS C 288 26.51 -16.06 -36.86
C LYS C 288 26.04 -16.07 -35.39
N ARG C 289 24.84 -16.66 -35.12
CA ARG C 289 24.20 -16.76 -33.80
C ARG C 289 24.85 -17.83 -32.94
N PRO C 290 24.83 -17.69 -31.59
CA PRO C 290 25.38 -18.76 -30.74
C PRO C 290 24.43 -19.96 -30.64
N ASP C 291 24.94 -21.11 -30.22
CA ASP C 291 24.08 -22.25 -30.00
C ASP C 291 23.56 -22.15 -28.56
N ILE C 292 22.48 -22.89 -28.25
CA ILE C 292 21.84 -22.87 -26.94
C ILE C 292 22.76 -23.06 -25.75
N LYS C 293 23.73 -24.02 -25.82
CA LYS C 293 24.70 -24.23 -24.71
C LYS C 293 25.52 -22.96 -24.46
N LYS C 294 25.85 -22.21 -25.53
CA LYS C 294 26.59 -20.94 -25.40
C LYS C 294 25.71 -19.90 -24.72
N VAL C 295 24.44 -19.78 -25.17
CA VAL C 295 23.43 -18.90 -24.59
C VAL C 295 23.27 -19.17 -23.06
N GLN C 296 23.20 -20.46 -22.67
CA GLN C 296 23.11 -20.86 -21.26
C GLN C 296 24.36 -20.41 -20.50
N GLN C 297 25.57 -20.67 -21.09
CA GLN C 297 26.87 -20.33 -20.50
C GLN C 297 26.93 -18.83 -20.25
N LEU C 298 26.57 -18.03 -21.26
CA LEU C 298 26.57 -16.59 -21.16
C LEU C 298 25.58 -16.10 -20.08
N LEU C 299 24.37 -16.73 -20.02
CA LEU C 299 23.35 -16.36 -19.03
C LEU C 299 23.74 -16.72 -17.62
N GLN C 300 24.47 -17.83 -17.44
CA GLN C 300 24.96 -18.27 -16.13
C GLN C 300 26.08 -17.33 -15.65
N GLU C 301 26.97 -16.91 -16.59
CA GLU C 301 28.07 -15.98 -16.35
C GLU C 301 27.57 -14.62 -15.88
N MET C 302 26.45 -14.17 -16.45
CA MET C 302 25.76 -12.89 -16.19
C MET C 302 25.43 -12.63 -14.69
N THR C 303 25.25 -13.70 -13.90
CA THR C 303 24.93 -13.60 -12.47
C THR C 303 26.11 -13.95 -11.55
N ARG D 9 -28.07 35.73 15.84
CA ARG D 9 -26.72 35.19 15.95
C ARG D 9 -26.60 33.80 15.28
N PHE D 10 -27.46 32.86 15.71
CA PHE D 10 -27.52 31.48 15.21
C PHE D 10 -28.86 31.22 14.57
N HIS D 11 -28.89 30.37 13.53
CA HIS D 11 -30.13 30.02 12.84
C HIS D 11 -31.00 29.10 13.69
N SER D 12 -32.28 29.46 13.87
CA SER D 12 -33.17 28.60 14.65
C SER D 12 -33.77 27.56 13.73
N PHE D 13 -33.55 26.29 14.07
CA PHE D 13 -34.06 25.16 13.32
C PHE D 13 -35.28 24.63 14.06
N SER D 14 -36.19 24.04 13.30
CA SER D 14 -37.35 23.41 13.88
C SER D 14 -36.96 21.94 13.97
N PHE D 15 -37.34 21.27 15.07
CA PHE D 15 -37.01 19.86 15.29
C PHE D 15 -37.28 18.95 14.07
N TYR D 16 -38.36 19.25 13.29
CA TYR D 16 -38.74 18.49 12.10
C TYR D 16 -37.67 18.52 10.99
N GLU D 17 -37.02 19.70 10.80
CA GLU D 17 -35.99 19.90 9.78
C GLU D 17 -34.85 18.97 10.05
N LEU D 18 -34.45 18.88 11.33
CA LEU D 18 -33.33 18.08 11.77
C LEU D 18 -33.56 16.60 11.69
N LYS D 19 -34.84 16.17 11.81
CA LYS D 19 -35.25 14.77 11.64
C LYS D 19 -35.00 14.41 10.19
N ASN D 20 -35.37 15.34 9.27
CA ASN D 20 -35.20 15.15 7.83
C ASN D 20 -33.71 15.03 7.47
N VAL D 21 -32.88 16.03 7.89
CA VAL D 21 -31.45 16.08 7.60
C VAL D 21 -30.62 14.88 8.09
N THR D 22 -31.02 14.27 9.22
CA THR D 22 -30.31 13.16 9.85
C THR D 22 -30.88 11.77 9.52
N ASN D 23 -31.76 11.67 8.50
CA ASN D 23 -32.43 10.43 8.08
C ASN D 23 -33.22 9.86 9.28
N ASN D 24 -33.94 10.77 9.96
CA ASN D 24 -34.73 10.54 11.17
C ASN D 24 -33.93 9.93 12.30
N PHE D 25 -32.80 10.59 12.61
CA PHE D 25 -31.84 10.23 13.65
C PHE D 25 -31.45 8.75 13.62
N ASP D 26 -31.01 8.27 12.44
CA ASP D 26 -30.57 6.90 12.21
C ASP D 26 -29.42 6.57 13.17
N GLU D 27 -29.65 5.56 14.04
CA GLU D 27 -28.67 5.16 15.06
C GLU D 27 -27.56 4.25 14.56
N ARG D 28 -27.63 3.83 13.28
CA ARG D 28 -26.60 3.00 12.67
C ARG D 28 -25.35 3.86 12.45
N PRO D 29 -24.13 3.29 12.61
CA PRO D 29 -22.91 4.11 12.43
C PRO D 29 -22.72 4.58 11.00
N ILE D 30 -22.10 5.76 10.83
CA ILE D 30 -21.80 6.37 9.53
C ILE D 30 -20.93 5.44 8.66
N SER D 31 -20.06 4.63 9.30
CA SER D 31 -19.16 3.64 8.66
C SER D 31 -19.91 2.49 7.97
N VAL D 32 -21.17 2.28 8.36
CA VAL D 32 -22.07 1.24 7.89
C VAL D 32 -23.16 1.82 6.96
N GLY D 33 -23.20 3.15 6.84
CA GLY D 33 -24.13 3.89 6.01
C GLY D 33 -25.24 4.56 6.80
N GLY D 34 -25.10 4.55 8.12
CA GLY D 34 -26.07 5.17 9.02
C GLY D 34 -25.75 6.63 9.30
N ASN D 35 -26.32 7.17 10.39
CA ASN D 35 -26.08 8.57 10.75
C ASN D 35 -25.32 8.83 12.04
N LYS D 36 -25.26 7.84 12.95
CA LYS D 36 -24.57 7.98 14.24
C LYS D 36 -23.06 8.14 14.10
N MET D 37 -22.51 9.21 14.71
CA MET D 37 -21.08 9.49 14.67
C MET D 37 -20.39 9.21 16.01
N GLY D 38 -21.16 9.27 17.09
CA GLY D 38 -20.65 9.04 18.43
C GLY D 38 -21.60 9.50 19.51
N GLU D 39 -21.22 9.25 20.76
CA GLU D 39 -22.04 9.60 21.91
C GLU D 39 -21.27 9.86 23.21
N GLY D 40 -21.72 10.88 23.92
CA GLY D 40 -21.22 11.27 25.24
C GLY D 40 -22.26 10.95 26.29
N GLY D 41 -22.11 11.53 27.49
CA GLY D 41 -23.06 11.31 28.57
C GLY D 41 -24.35 12.10 28.39
N PHE D 42 -24.23 13.31 27.80
CA PHE D 42 -25.31 14.25 27.57
C PHE D 42 -25.97 14.21 26.17
N GLY D 43 -25.57 13.26 25.32
CA GLY D 43 -26.17 13.13 24.01
C GLY D 43 -25.43 12.31 22.96
N VAL D 44 -26.09 12.12 21.81
CA VAL D 44 -25.58 11.39 20.63
C VAL D 44 -25.43 12.39 19.48
N VAL D 45 -24.32 12.27 18.71
CA VAL D 45 -24.00 13.13 17.58
C VAL D 45 -24.30 12.42 16.27
N TYR D 46 -25.08 13.08 15.39
CA TYR D 46 -25.49 12.57 14.08
C TYR D 46 -24.96 13.42 12.93
N LYS D 47 -24.71 12.77 11.79
CA LYS D 47 -24.30 13.44 10.55
C LYS D 47 -25.57 13.90 9.80
N GLY D 48 -25.48 15.04 9.15
CA GLY D 48 -26.57 15.62 8.38
C GLY D 48 -26.13 16.50 7.24
N TYR D 49 -27.09 16.95 6.43
CA TYR D 49 -26.83 17.85 5.31
C TYR D 49 -27.88 18.96 5.30
N VAL D 50 -27.46 20.22 5.47
CA VAL D 50 -28.36 21.39 5.47
C VAL D 50 -27.87 22.38 4.36
N ASN D 51 -28.42 22.25 3.12
CA ASN D 51 -28.05 23.07 1.94
C ASN D 51 -26.65 22.64 1.43
N ASN D 52 -26.51 21.33 1.11
CA ASN D 52 -25.27 20.68 0.61
C ASN D 52 -24.12 20.69 1.64
N THR D 53 -24.26 21.51 2.70
CA THR D 53 -23.34 21.72 3.83
C THR D 53 -23.46 20.53 4.81
N THR D 54 -22.34 19.86 5.11
CA THR D 54 -22.34 18.79 6.09
C THR D 54 -22.32 19.39 7.50
N VAL D 55 -23.23 18.92 8.35
CA VAL D 55 -23.38 19.39 9.73
C VAL D 55 -23.35 18.24 10.72
N ALA D 56 -23.02 18.55 11.99
CA ALA D 56 -23.00 17.62 13.12
C ALA D 56 -24.16 18.03 14.03
N VAL D 57 -25.10 17.12 14.26
CA VAL D 57 -26.26 17.41 15.08
C VAL D 57 -26.16 16.66 16.41
N LYS D 58 -26.00 17.40 17.51
CA LYS D 58 -25.94 16.79 18.84
C LYS D 58 -27.35 16.79 19.43
N LYS D 59 -27.97 15.60 19.54
CA LYS D 59 -29.30 15.47 20.13
C LYS D 59 -29.10 15.12 21.61
N LEU D 60 -29.42 16.10 22.47
CA LEU D 60 -29.28 16.00 23.92
C LEU D 60 -30.14 14.90 24.53
N ALA D 61 -29.51 14.02 25.33
CA ALA D 61 -30.14 12.89 26.00
C ALA D 61 -29.66 12.76 27.45
N ALA D 62 -30.60 12.56 28.39
CA ALA D 62 -30.27 12.40 29.82
C ALA D 62 -29.98 10.94 30.17
N THR D 68 -35.12 16.63 32.33
CA THR D 68 -34.32 17.29 33.38
C THR D 68 -33.98 18.77 33.03
N GLU D 69 -34.15 19.67 34.02
CA GLU D 69 -33.82 21.09 33.92
C GLU D 69 -32.29 21.28 33.82
N GLU D 70 -31.52 20.24 34.20
CA GLU D 70 -30.06 20.22 34.11
C GLU D 70 -29.61 20.18 32.65
N LEU D 71 -30.26 19.33 31.83
CA LEU D 71 -30.00 19.18 30.40
C LEU D 71 -30.33 20.48 29.66
N LYS D 72 -31.42 21.17 30.07
CA LYS D 72 -31.81 22.48 29.52
C LYS D 72 -30.81 23.56 29.95
N GLN D 73 -30.23 23.44 31.17
CA GLN D 73 -29.22 24.36 31.67
C GLN D 73 -27.93 24.20 30.86
N GLN D 74 -27.53 22.94 30.56
CA GLN D 74 -26.34 22.59 29.77
C GLN D 74 -26.46 23.05 28.29
N PHE D 75 -27.69 23.01 27.76
CA PHE D 75 -28.06 23.45 26.41
C PHE D 75 -27.90 24.97 26.30
N ASP D 76 -28.53 25.71 27.24
CA ASP D 76 -28.48 27.17 27.33
C ASP D 76 -27.05 27.66 27.51
N GLN D 77 -26.24 26.89 28.26
CA GLN D 77 -24.83 27.19 28.54
C GLN D 77 -23.99 27.14 27.27
N GLU D 78 -24.17 26.07 26.46
CA GLU D 78 -23.45 25.88 25.21
C GLU D 78 -23.71 27.06 24.23
N ILE D 79 -24.99 27.50 24.12
CA ILE D 79 -25.39 28.61 23.26
C ILE D 79 -24.80 29.95 23.76
N LYS D 80 -24.94 30.24 25.07
CA LYS D 80 -24.41 31.46 25.67
C LYS D 80 -22.89 31.61 25.42
N VAL D 81 -22.10 30.53 25.67
CA VAL D 81 -20.63 30.48 25.49
C VAL D 81 -20.28 30.67 24.02
N MET D 82 -20.93 29.90 23.13
CA MET D 82 -20.68 29.95 21.69
C MET D 82 -20.95 31.31 21.09
N ALA D 83 -21.98 32.00 21.60
CA ALA D 83 -22.36 33.34 21.17
C ALA D 83 -21.24 34.32 21.44
N LYS D 84 -20.58 34.19 22.61
CA LYS D 84 -19.47 35.05 23.02
C LYS D 84 -18.13 34.64 22.40
N CYS D 85 -17.84 33.33 22.38
CA CYS D 85 -16.58 32.76 21.92
C CYS D 85 -16.52 32.28 20.46
N GLN D 86 -15.74 33.00 19.63
CA GLN D 86 -15.49 32.68 18.23
C GLN D 86 -13.98 32.69 18.04
N HIS D 87 -13.40 31.52 17.77
CA HIS D 87 -11.96 31.37 17.57
C HIS D 87 -11.67 30.21 16.64
N GLU D 88 -10.52 30.26 15.93
CA GLU D 88 -10.08 29.23 14.97
C GLU D 88 -9.89 27.84 15.59
N ASN D 89 -9.75 27.76 16.92
CA ASN D 89 -9.56 26.52 17.65
C ASN D 89 -10.76 26.15 18.50
N LEU D 90 -11.91 26.68 18.11
CA LEU D 90 -13.19 26.36 18.76
C LEU D 90 -14.14 25.94 17.70
N VAL D 91 -15.00 25.03 18.05
CA VAL D 91 -16.01 24.47 17.18
C VAL D 91 -17.03 25.57 16.88
N GLU D 92 -17.71 25.50 15.74
CA GLU D 92 -18.66 26.53 15.32
C GLU D 92 -20.10 26.03 15.40
N LEU D 93 -20.95 26.80 16.09
CA LEU D 93 -22.37 26.50 16.21
C LEU D 93 -23.09 27.21 15.07
N LEU D 94 -23.91 26.48 14.34
CA LEU D 94 -24.66 27.09 13.24
C LEU D 94 -26.02 27.50 13.73
N GLY D 95 -26.61 26.68 14.58
CA GLY D 95 -27.92 26.91 15.16
C GLY D 95 -28.32 25.83 16.13
N PHE D 96 -29.56 25.90 16.60
CA PHE D 96 -30.11 24.97 17.57
C PHE D 96 -31.60 24.71 17.32
N SER D 97 -32.16 23.71 18.03
CA SER D 97 -33.58 23.35 18.03
C SER D 97 -34.02 23.06 19.46
N SER D 98 -35.04 23.78 19.94
CA SER D 98 -35.61 23.61 21.27
C SER D 98 -37.13 23.37 21.21
N ASP D 99 -37.62 22.78 20.10
CA ASP D 99 -39.04 22.48 19.87
C ASP D 99 -39.49 21.28 20.71
N GLY D 100 -40.15 21.57 21.84
CA GLY D 100 -40.65 20.58 22.77
C GLY D 100 -39.61 19.99 23.70
N ASP D 101 -39.75 18.67 23.99
CA ASP D 101 -38.86 17.90 24.88
C ASP D 101 -37.46 17.61 24.31
N ASP D 102 -37.30 17.70 22.97
CA ASP D 102 -36.02 17.44 22.30
C ASP D 102 -35.19 18.69 22.05
N LEU D 103 -33.93 18.63 22.51
CA LEU D 103 -32.96 19.73 22.42
C LEU D 103 -31.80 19.34 21.52
N CYS D 104 -31.59 20.13 20.44
CA CYS D 104 -30.55 19.88 19.45
C CYS D 104 -29.60 21.03 19.28
N LEU D 105 -28.35 20.70 18.94
CA LEU D 105 -27.33 21.68 18.64
C LEU D 105 -26.70 21.32 17.30
N VAL D 106 -26.64 22.30 16.38
CA VAL D 106 -26.15 22.12 14.99
C VAL D 106 -24.84 22.81 14.79
N TYR D 107 -23.82 22.00 14.45
CA TYR D 107 -22.44 22.47 14.28
C TYR D 107 -21.90 22.22 12.88
N VAL D 108 -20.83 22.95 12.49
CA VAL D 108 -20.10 22.76 11.24
C VAL D 108 -19.41 21.40 11.39
N TYR D 109 -19.75 20.42 10.51
CA TYR D 109 -19.18 19.07 10.55
C TYR D 109 -17.64 19.05 10.48
N MET D 110 -17.03 18.24 11.36
CA MET D 110 -15.59 18.03 11.46
C MET D 110 -15.18 16.81 10.64
N PRO D 111 -14.62 17.02 9.43
CA PRO D 111 -14.23 15.88 8.57
C PRO D 111 -13.31 14.82 9.23
N ASN D 112 -12.58 15.19 10.27
CA ASN D 112 -11.69 14.21 10.87
C ASN D 112 -12.05 13.72 12.29
N GLY D 113 -13.31 13.92 12.68
CA GLY D 113 -13.87 13.54 13.97
C GLY D 113 -13.07 14.03 15.17
N SER D 114 -13.00 13.21 16.24
CA SER D 114 -12.27 13.52 17.46
C SER D 114 -10.81 13.01 17.45
N LEU D 115 -9.96 13.67 18.26
CA LEU D 115 -8.58 13.33 18.47
C LEU D 115 -8.49 11.91 19.10
N LEU D 116 -9.45 11.57 20.00
CA LEU D 116 -9.53 10.25 20.63
C LEU D 116 -9.57 9.18 19.53
N ASP D 117 -10.57 9.31 18.61
CA ASP D 117 -10.77 8.38 17.51
C ASP D 117 -9.60 8.28 16.55
N ARG D 118 -8.94 9.40 16.28
CA ARG D 118 -7.79 9.43 15.38
C ARG D 118 -6.56 8.82 16.01
N LEU D 119 -6.43 8.95 17.35
CA LEU D 119 -5.34 8.36 18.10
C LEU D 119 -5.49 6.85 18.16
N SER D 120 -6.73 6.35 18.12
CA SER D 120 -6.97 4.92 18.13
C SER D 120 -7.09 4.32 16.70
N CYS D 121 -7.15 5.19 15.64
CA CYS D 121 -7.30 4.86 14.18
C CYS D 121 -8.65 4.26 13.92
N LEU D 122 -9.62 4.68 14.73
CA LEU D 122 -10.98 4.22 14.60
C LEU D 122 -11.45 4.32 13.14
N ASP D 123 -12.02 3.22 12.64
CA ASP D 123 -12.53 3.08 11.27
C ASP D 123 -11.46 3.02 10.20
N GLY D 124 -10.24 2.64 10.62
CA GLY D 124 -9.09 2.48 9.74
C GLY D 124 -8.44 3.72 9.18
N THR D 125 -8.61 4.85 9.84
CA THR D 125 -7.96 6.11 9.43
C THR D 125 -6.44 5.96 9.63
N PRO D 126 -5.56 6.59 8.82
CA PRO D 126 -4.10 6.41 9.05
C PRO D 126 -3.63 7.04 10.37
N PRO D 127 -2.55 6.52 10.98
CA PRO D 127 -2.08 7.14 12.24
C PRO D 127 -1.63 8.58 12.08
N LEU D 128 -1.87 9.42 13.10
CA LEU D 128 -1.40 10.82 13.11
C LEU D 128 0.11 10.87 13.35
N SER D 129 0.83 11.65 12.56
CA SER D 129 2.28 11.81 12.71
C SER D 129 2.58 12.73 13.89
N TRP D 130 3.86 12.74 14.33
CA TRP D 130 4.31 13.59 15.42
C TRP D 130 4.03 15.07 15.13
N HIS D 131 4.31 15.50 13.90
CA HIS D 131 4.17 16.85 13.39
C HIS D 131 2.73 17.34 13.49
N MET D 132 1.78 16.52 13.03
CA MET D 132 0.34 16.79 13.09
C MET D 132 -0.03 16.94 14.60
N ARG D 133 0.46 16.02 15.44
CA ARG D 133 0.23 16.03 16.91
C ARG D 133 0.74 17.33 17.58
N CYS D 134 1.90 17.84 17.11
CA CYS D 134 2.47 19.08 17.58
C CYS D 134 1.56 20.23 17.24
N LYS D 135 1.04 20.26 16.02
CA LYS D 135 0.09 21.31 15.59
C LYS D 135 -1.24 21.12 16.32
N ILE D 136 -1.63 19.86 16.59
CA ILE D 136 -2.84 19.61 17.37
C ILE D 136 -2.66 20.22 18.78
N ALA D 137 -1.57 19.84 19.50
CA ALA D 137 -1.21 20.33 20.84
C ALA D 137 -1.27 21.87 20.91
N GLN D 138 -0.55 22.57 19.99
CA GLN D 138 -0.46 24.03 19.95
C GLN D 138 -1.82 24.67 19.89
N GLY D 139 -2.63 24.24 18.92
CA GLY D 139 -3.98 24.72 18.67
C GLY D 139 -4.96 24.49 19.80
N ALA D 140 -4.96 23.29 20.40
CA ALA D 140 -5.86 23.02 21.52
C ALA D 140 -5.60 24.04 22.67
N ALA D 141 -4.30 24.26 23.01
CA ALA D 141 -3.84 25.21 24.02
C ALA D 141 -4.26 26.63 23.64
N ASN D 142 -4.13 27.00 22.34
CA ASN D 142 -4.55 28.31 21.87
C ASN D 142 -6.07 28.51 22.05
N GLY D 143 -6.83 27.41 21.90
CA GLY D 143 -8.27 27.42 22.08
C GLY D 143 -8.60 27.61 23.54
N ILE D 144 -7.95 26.80 24.45
CA ILE D 144 -8.09 26.89 25.93
C ILE D 144 -7.72 28.33 26.37
N ASN D 145 -6.67 28.89 25.77
CA ASN D 145 -6.23 30.23 26.08
C ASN D 145 -7.28 31.27 25.75
N PHE D 146 -7.96 31.12 24.62
CA PHE D 146 -9.01 32.03 24.23
C PHE D 146 -10.15 31.98 25.25
N LEU D 147 -10.58 30.78 25.63
CA LEU D 147 -11.65 30.57 26.61
C LEU D 147 -11.29 31.19 27.96
N HIS D 148 -10.03 31.01 28.40
CA HIS D 148 -9.52 31.52 29.66
C HIS D 148 -9.46 33.06 29.68
N GLU D 149 -8.99 33.67 28.57
CA GLU D 149 -8.92 35.12 28.37
C GLU D 149 -10.35 35.68 28.40
N ASN D 150 -11.33 34.87 28.01
CA ASN D 150 -12.72 35.26 28.00
C ASN D 150 -13.46 34.81 29.24
N HIS D 151 -12.69 34.53 30.30
CA HIS D 151 -13.19 34.17 31.63
C HIS D 151 -14.12 32.99 31.62
N HIS D 152 -13.72 31.92 30.91
CA HIS D 152 -14.47 30.69 30.84
C HIS D 152 -13.60 29.52 31.20
N ILE D 153 -14.18 28.58 31.94
CA ILE D 153 -13.54 27.31 32.32
C ILE D 153 -14.35 26.26 31.55
N HIS D 154 -13.66 25.42 30.75
CA HIS D 154 -14.31 24.39 29.96
C HIS D 154 -14.99 23.34 30.83
N ARG D 155 -14.25 22.76 31.81
CA ARG D 155 -14.70 21.74 32.77
C ARG D 155 -14.74 20.30 32.23
N ASP D 156 -14.57 20.09 30.90
CA ASP D 156 -14.58 18.75 30.29
C ASP D 156 -13.52 18.60 29.17
N ILE D 157 -12.32 19.12 29.42
CA ILE D 157 -11.23 19.01 28.46
C ILE D 157 -10.73 17.58 28.41
N LYS D 158 -10.87 16.96 27.22
CA LYS D 158 -10.47 15.60 26.92
C LYS D 158 -10.32 15.45 25.41
N SER D 159 -9.64 14.37 24.96
CA SER D 159 -9.43 14.14 23.53
C SER D 159 -10.71 13.89 22.71
N ALA D 160 -11.77 13.38 23.35
CA ALA D 160 -13.07 13.19 22.70
C ALA D 160 -13.69 14.56 22.36
N ASN D 161 -13.31 15.60 23.14
CA ASN D 161 -13.75 17.00 22.98
C ASN D 161 -12.79 17.89 22.18
N ILE D 162 -11.76 17.32 21.57
CA ILE D 162 -10.83 18.03 20.70
C ILE D 162 -11.09 17.46 19.32
N LEU D 163 -11.79 18.23 18.51
CA LEU D 163 -12.16 17.79 17.18
C LEU D 163 -11.19 18.25 16.13
N LEU D 164 -11.24 17.60 14.95
CA LEU D 164 -10.33 17.87 13.85
C LEU D 164 -11.05 18.16 12.54
N ASP D 165 -10.72 19.34 11.94
CA ASP D 165 -11.27 19.76 10.65
C ASP D 165 -10.52 19.09 9.47
N GLU D 166 -10.88 19.49 8.25
CA GLU D 166 -10.27 19.03 6.99
C GLU D 166 -8.76 19.23 6.93
N ALA D 167 -8.20 20.22 7.63
CA ALA D 167 -6.74 20.48 7.68
C ALA D 167 -6.11 19.93 8.97
N PHE D 168 -6.89 19.22 9.81
CA PHE D 168 -6.47 18.68 11.13
C PHE D 168 -6.23 19.78 12.16
N THR D 169 -7.02 20.88 12.05
CA THR D 169 -6.99 21.97 13.01
C THR D 169 -7.78 21.49 14.23
N ALA D 170 -7.18 21.66 15.41
CA ALA D 170 -7.79 21.27 16.69
C ALA D 170 -8.92 22.24 16.99
N LYS D 171 -10.08 21.73 17.33
CA LYS D 171 -11.25 22.53 17.65
C LYS D 171 -11.90 21.98 18.86
N ILE D 172 -11.82 22.75 19.97
CA ILE D 172 -12.42 22.40 21.27
C ILE D 172 -13.95 22.43 21.13
N SER D 173 -14.63 21.39 21.61
CA SER D 173 -16.08 21.29 21.57
C SER D 173 -16.64 20.99 22.96
N ASP D 174 -17.98 20.84 23.06
CA ASP D 174 -18.73 20.52 24.29
C ASP D 174 -18.56 21.52 25.41
N PHE D 175 -19.30 22.63 25.33
CA PHE D 175 -19.31 23.72 26.30
C PHE D 175 -20.54 23.71 27.22
N GLY D 176 -21.24 22.56 27.27
CA GLY D 176 -22.41 22.35 28.11
C GLY D 176 -22.14 22.44 29.61
N LEU D 177 -20.90 22.11 30.05
CA LEU D 177 -20.43 22.18 31.43
C LEU D 177 -19.57 23.42 31.71
N ALA D 178 -19.30 24.26 30.69
CA ALA D 178 -18.48 25.47 30.84
C ALA D 178 -19.02 26.47 31.85
N ARG D 179 -18.11 27.15 32.56
CA ARG D 179 -18.44 28.13 33.60
C ARG D 179 -17.76 29.45 33.36
N ALA D 180 -18.46 30.55 33.70
CA ALA D 180 -17.91 31.90 33.62
C ALA D 180 -17.29 32.25 34.95
N TPO D 187 -11.54 30.69 42.65
CA TPO D 187 -11.86 29.29 42.96
CB TPO D 187 -10.65 28.53 43.57
CG2 TPO D 187 -11.05 27.08 43.83
OG1 TPO D 187 -9.56 28.52 42.61
P TPO D 187 -8.16 28.94 43.14
O1P TPO D 187 -7.45 29.68 41.97
O2P TPO D 187 -7.33 27.66 43.53
O3P TPO D 187 -8.28 29.83 44.42
C TPO D 187 -13.14 29.15 43.77
O TPO D 187 -13.22 29.58 44.93
N VAL D 188 -14.17 28.54 43.14
CA VAL D 188 -15.49 28.31 43.74
C VAL D 188 -15.76 26.80 44.02
N MET D 189 -16.98 26.45 44.48
CA MET D 189 -17.34 25.08 44.83
C MET D 189 -18.67 24.64 44.26
N TPO D 190 -18.90 23.31 44.17
CA TPO D 190 -20.15 22.76 43.63
CB TPO D 190 -20.10 22.60 42.07
CG2 TPO D 190 -19.05 21.55 41.69
OG1 TPO D 190 -21.37 22.16 41.44
P TPO D 190 -22.46 23.25 41.20
O1P TPO D 190 -21.87 24.62 41.01
O2P TPO D 190 -23.43 23.29 42.40
O3P TPO D 190 -23.28 22.82 40.00
C TPO D 190 -20.60 21.47 44.33
O TPO D 190 -19.77 20.71 44.82
N SEP D 191 -21.93 21.23 44.35
CA SEP D 191 -22.53 20.03 44.92
CB SEP D 191 -23.79 20.18 45.78
OG SEP D 191 -24.90 20.74 45.04
C SEP D 191 -22.73 18.93 43.86
O SEP D 191 -22.95 17.78 44.23
P SEP D 191 -25.31 22.12 45.71
O1P SEP D 191 -24.16 23.16 45.76
O2P SEP D 191 -25.79 21.87 47.16
O3P SEP D 191 -26.47 22.71 44.86
N ARG D 192 -22.64 19.30 42.55
CA ARG D 192 -22.73 18.37 41.43
C ARG D 192 -21.37 18.27 40.72
N ILE D 193 -20.65 17.15 40.98
CA ILE D 193 -19.33 16.87 40.42
C ILE D 193 -19.50 16.26 39.02
N VAL D 194 -18.95 16.93 38.00
CA VAL D 194 -19.07 16.56 36.59
C VAL D 194 -17.73 16.65 35.81
N GLY D 195 -17.61 15.77 34.81
CA GLY D 195 -16.44 15.61 33.95
C GLY D 195 -16.11 14.14 33.78
N THR D 196 -14.95 13.86 33.17
CA THR D 196 -14.49 12.48 32.95
C THR D 196 -13.33 12.25 33.93
N THR D 197 -13.58 11.44 34.99
CA THR D 197 -12.64 11.15 36.08
C THR D 197 -11.21 10.91 35.64
N ALA D 198 -11.00 10.21 34.51
CA ALA D 198 -9.68 9.89 33.95
C ALA D 198 -8.83 11.12 33.57
N TYR D 199 -9.49 12.26 33.34
CA TYR D 199 -8.85 13.51 32.94
C TYR D 199 -8.90 14.58 34.04
N MET D 200 -9.85 14.44 34.97
CA MET D 200 -10.11 15.39 36.07
C MET D 200 -9.00 15.59 37.05
N ALA D 201 -8.75 16.87 37.38
CA ALA D 201 -7.78 17.31 38.39
C ALA D 201 -8.30 16.88 39.78
N PRO D 202 -7.42 16.55 40.74
CA PRO D 202 -7.91 16.09 42.07
C PRO D 202 -8.95 17.02 42.71
N GLU D 203 -8.73 18.35 42.69
CA GLU D 203 -9.66 19.34 43.25
C GLU D 203 -11.01 19.35 42.54
N ALA D 204 -11.02 19.07 41.24
CA ALA D 204 -12.24 19.00 40.45
C ALA D 204 -13.07 17.80 40.93
N LEU D 205 -12.38 16.69 41.27
CA LEU D 205 -13.03 15.47 41.78
C LEU D 205 -13.60 15.74 43.20
N ARG D 206 -12.99 16.72 43.92
CA ARG D 206 -13.32 17.25 45.24
C ARG D 206 -14.38 18.41 45.22
N GLY D 207 -14.86 18.81 44.02
CA GLY D 207 -15.88 19.84 43.87
C GLY D 207 -15.42 21.26 43.57
N GLU D 208 -14.11 21.50 43.44
CA GLU D 208 -13.59 22.83 43.10
C GLU D 208 -13.80 23.18 41.63
N ILE D 209 -14.06 24.46 41.34
CA ILE D 209 -14.22 24.99 39.99
C ILE D 209 -13.13 26.06 39.79
N THR D 210 -12.10 25.72 39.02
CA THR D 210 -10.97 26.60 38.77
C THR D 210 -10.40 26.42 37.35
N PRO D 211 -9.97 27.52 36.67
CA PRO D 211 -9.38 27.36 35.34
C PRO D 211 -8.14 26.48 35.35
N LYS D 212 -7.47 26.36 36.53
CA LYS D 212 -6.28 25.54 36.71
C LYS D 212 -6.58 24.04 36.53
N SER D 213 -7.87 23.64 36.67
CA SER D 213 -8.32 22.26 36.47
C SER D 213 -8.23 21.87 34.97
N ASP D 214 -8.57 22.83 34.08
CA ASP D 214 -8.49 22.71 32.62
C ASP D 214 -7.05 22.44 32.19
N ILE D 215 -6.05 23.06 32.87
CA ILE D 215 -4.62 22.86 32.63
C ILE D 215 -4.21 21.41 32.94
N TYR D 216 -4.73 20.86 34.03
CA TYR D 216 -4.47 19.47 34.43
C TYR D 216 -5.02 18.50 33.38
N SER D 217 -6.27 18.72 32.93
CA SER D 217 -6.94 17.89 31.93
C SER D 217 -6.20 17.88 30.60
N PHE D 218 -5.64 19.03 30.24
CA PHE D 218 -4.86 19.19 29.02
C PHE D 218 -3.55 18.41 29.10
N GLY D 219 -2.98 18.30 30.31
CA GLY D 219 -1.78 17.51 30.54
C GLY D 219 -2.03 16.04 30.20
N VAL D 220 -3.22 15.52 30.59
CA VAL D 220 -3.64 14.14 30.35
C VAL D 220 -3.74 13.91 28.83
N VAL D 221 -4.26 14.94 28.12
CA VAL D 221 -4.40 14.93 26.68
C VAL D 221 -3.02 14.88 26.04
N LEU D 222 -2.05 15.69 26.56
CA LEU D 222 -0.70 15.68 26.01
C LEU D 222 -0.05 14.30 26.19
N LEU D 223 -0.36 13.60 27.30
CA LEU D 223 0.14 12.25 27.46
C LEU D 223 -0.50 11.30 26.43
N GLU D 224 -1.80 11.49 26.13
CA GLU D 224 -2.50 10.69 25.11
C GLU D 224 -1.83 10.95 23.77
N ILE D 225 -1.52 12.22 23.47
CA ILE D 225 -0.85 12.61 22.23
C ILE D 225 0.54 11.92 22.09
N ILE D 226 1.34 11.90 23.17
CA ILE D 226 2.66 11.27 23.10
C ILE D 226 2.57 9.74 22.91
N THR D 227 1.70 9.09 23.67
CA THR D 227 1.58 7.63 23.76
C THR D 227 0.61 6.96 22.82
N GLY D 228 -0.42 7.67 22.41
CA GLY D 228 -1.49 7.12 21.56
C GLY D 228 -2.44 6.23 22.34
N LEU D 229 -2.32 6.23 23.69
CA LEU D 229 -3.12 5.44 24.61
C LEU D 229 -4.26 6.27 25.19
N PRO D 230 -5.48 5.68 25.37
CA PRO D 230 -6.58 6.43 26.00
C PRO D 230 -6.29 6.68 27.49
N ALA D 231 -6.83 7.77 28.08
CA ALA D 231 -6.60 8.14 29.50
C ALA D 231 -6.91 7.02 30.48
N VAL D 232 -7.94 6.23 30.15
CA VAL D 232 -8.38 5.07 30.90
C VAL D 232 -8.66 3.91 29.94
N ASP D 233 -8.25 2.72 30.33
CA ASP D 233 -8.45 1.48 29.61
C ASP D 233 -8.53 0.39 30.67
N GLU D 234 -9.76 -0.15 30.88
CA GLU D 234 -10.06 -1.18 31.86
C GLU D 234 -9.24 -2.45 31.65
N HIS D 235 -8.91 -2.76 30.39
CA HIS D 235 -8.12 -3.94 30.00
C HIS D 235 -6.63 -3.64 29.82
N ARG D 236 -6.09 -2.68 30.58
CA ARG D 236 -4.69 -2.31 30.48
C ARG D 236 -4.03 -2.18 31.85
N GLU D 237 -2.74 -2.52 31.92
CA GLU D 237 -1.93 -2.36 33.12
C GLU D 237 -0.83 -1.32 32.78
N PRO D 238 -0.90 -0.09 33.34
CA PRO D 238 -1.91 0.41 34.27
C PRO D 238 -3.14 0.96 33.57
N GLN D 239 -4.27 0.76 34.21
CA GLN D 239 -5.61 1.17 33.82
C GLN D 239 -5.75 2.67 33.54
N LEU D 240 -4.97 3.50 34.27
CA LEU D 240 -4.96 4.96 34.18
C LEU D 240 -3.62 5.44 33.64
N LEU D 241 -3.67 6.27 32.59
CA LEU D 241 -2.51 6.83 31.91
C LEU D 241 -1.70 7.73 32.86
N LEU D 242 -2.38 8.37 33.81
CA LEU D 242 -1.79 9.19 34.85
C LEU D 242 -0.71 8.39 35.65
N ASP D 243 -0.94 7.07 35.86
CA ASP D 243 -0.01 6.17 36.57
C ASP D 243 1.34 6.04 35.86
N ILE D 244 1.34 6.16 34.51
CA ILE D 244 2.54 6.12 33.65
C ILE D 244 3.49 7.28 34.01
N LYS D 245 2.93 8.47 34.36
CA LYS D 245 3.71 9.64 34.79
C LYS D 245 4.47 9.30 36.08
N GLU D 246 3.80 8.58 37.03
CA GLU D 246 4.40 8.16 38.32
C GLU D 246 5.61 7.26 38.06
N GLU D 247 5.45 6.25 37.17
CA GLU D 247 6.48 5.29 36.74
C GLU D 247 7.72 5.99 36.17
N ILE D 248 7.49 7.04 35.36
CA ILE D 248 8.57 7.85 34.77
C ILE D 248 9.25 8.68 35.85
N GLU D 249 8.46 9.40 36.69
CA GLU D 249 8.93 10.24 37.80
C GLU D 249 9.76 9.42 38.80
N ASP D 250 9.31 8.18 39.08
CA ASP D 250 10.01 7.26 40.00
C ASP D 250 11.10 6.44 39.26
N GLU D 251 11.68 7.03 38.19
CA GLU D 251 12.76 6.47 37.34
C GLU D 251 12.63 4.99 36.90
N GLU D 252 11.47 4.35 37.15
CA GLU D 252 11.19 2.96 36.79
C GLU D 252 11.06 2.76 35.25
N LYS D 253 10.73 3.85 34.51
CA LYS D 253 10.56 3.92 33.05
C LYS D 253 10.92 5.33 32.54
N THR D 254 10.99 5.52 31.20
CA THR D 254 11.21 6.83 30.54
C THR D 254 10.06 7.11 29.57
N ILE D 255 9.93 8.38 29.11
CA ILE D 255 8.89 8.73 28.15
C ILE D 255 9.09 8.00 26.81
N GLU D 256 10.37 7.71 26.47
CA GLU D 256 10.80 6.99 25.28
C GLU D 256 10.19 5.60 25.23
N ASP D 257 10.01 4.97 26.38
CA ASP D 257 9.39 3.65 26.48
C ASP D 257 7.90 3.74 26.13
N TYR D 258 7.31 4.93 26.20
CA TYR D 258 5.88 5.13 25.96
C TYR D 258 5.48 5.85 24.66
N ILE D 259 6.46 6.44 23.91
CA ILE D 259 6.22 7.12 22.63
C ILE D 259 5.42 6.18 21.70
N ASP D 260 4.29 6.67 21.15
CA ASP D 260 3.41 5.94 20.25
C ASP D 260 4.22 5.33 19.13
N LYS D 261 4.22 4.00 19.01
CA LYS D 261 4.94 3.29 17.95
C LYS D 261 4.34 3.47 16.54
N LYS D 262 3.07 3.98 16.47
CA LYS D 262 2.36 4.24 15.22
C LYS D 262 2.83 5.54 14.51
N MET D 263 3.99 6.08 14.86
CA MET D 263 4.51 7.29 14.20
C MET D 263 6.00 7.16 13.93
N ASN D 264 6.47 7.67 12.78
CA ASN D 264 7.85 7.49 12.33
C ASN D 264 8.76 8.73 12.46
N ASP D 265 8.12 9.89 12.73
CA ASP D 265 8.73 11.23 12.75
C ASP D 265 8.92 11.87 14.12
N ALA D 266 8.79 11.10 15.19
CA ALA D 266 8.96 11.64 16.54
C ALA D 266 10.43 11.61 16.95
N ASP D 267 10.91 12.72 17.53
CA ASP D 267 12.27 12.88 18.06
C ASP D 267 12.23 13.07 19.57
N SER D 268 13.25 12.58 20.28
CA SER D 268 13.35 12.65 21.72
C SER D 268 13.27 14.08 22.25
N THR D 269 13.99 15.01 21.60
CA THR D 269 14.03 16.39 22.05
C THR D 269 12.66 16.97 22.15
N SER D 270 11.90 16.94 21.04
CA SER D 270 10.54 17.46 21.01
C SER D 270 9.61 16.66 21.90
N VAL D 271 9.79 15.33 21.95
CA VAL D 271 8.93 14.49 22.77
C VAL D 271 9.09 14.81 24.25
N GLU D 272 10.37 14.93 24.69
CA GLU D 272 10.71 15.27 26.07
C GLU D 272 10.22 16.68 26.40
N ALA D 273 10.26 17.60 25.43
CA ALA D 273 9.81 18.98 25.62
C ALA D 273 8.29 19.03 25.90
N MET D 274 7.51 18.16 25.20
CA MET D 274 6.07 18.03 25.37
C MET D 274 5.77 17.31 26.69
N TYR D 275 6.57 16.27 27.04
CA TYR D 275 6.38 15.55 28.30
C TYR D 275 6.59 16.49 29.49
N SER D 276 7.60 17.38 29.40
CA SER D 276 7.90 18.40 30.40
C SER D 276 6.68 19.30 30.64
N VAL D 277 6.00 19.76 29.58
CA VAL D 277 4.81 20.60 29.69
C VAL D 277 3.71 19.79 30.39
N ALA D 278 3.49 18.52 29.96
CA ALA D 278 2.48 17.62 30.51
C ALA D 278 2.72 17.39 32.01
N SER D 279 3.98 17.13 32.43
CA SER D 279 4.27 16.90 33.84
C SER D 279 4.10 18.16 34.69
N GLN D 280 4.34 19.35 34.09
CA GLN D 280 4.11 20.62 34.77
C GLN D 280 2.60 20.80 34.97
N CYS D 281 1.81 20.42 33.93
CA CYS D 281 0.35 20.50 33.94
C CYS D 281 -0.23 19.55 34.96
N LEU D 282 0.37 18.37 35.12
CA LEU D 282 -0.13 17.27 35.94
C LEU D 282 0.18 17.27 37.44
N HIS D 283 0.62 18.44 37.97
CA HIS D 283 0.87 18.62 39.40
C HIS D 283 -0.46 18.47 40.12
N GLU D 284 -0.41 17.79 41.28
CA GLU D 284 -1.55 17.58 42.16
C GLU D 284 -1.92 18.91 42.83
N LYS D 285 -0.93 19.81 43.00
CA LYS D 285 -1.10 21.13 43.59
C LYS D 285 -1.45 22.20 42.53
N LYS D 286 -2.73 22.63 42.48
CA LYS D 286 -3.30 23.63 41.58
C LYS D 286 -2.37 24.81 41.28
N ASN D 287 -1.82 25.41 42.33
CA ASN D 287 -0.97 26.59 42.19
C ASN D 287 0.44 26.32 41.68
N LYS D 288 0.87 25.03 41.66
CA LYS D 288 2.18 24.61 41.15
C LYS D 288 2.18 24.45 39.59
N ARG D 289 0.99 24.36 38.97
CA ARG D 289 0.79 24.18 37.52
C ARG D 289 1.00 25.50 36.77
N PRO D 290 1.43 25.46 35.49
CA PRO D 290 1.54 26.71 34.73
C PRO D 290 0.17 27.23 34.28
N ASP D 291 0.08 28.51 33.95
CA ASP D 291 -1.16 29.05 33.39
C ASP D 291 -1.12 28.79 31.88
N ILE D 292 -2.28 28.89 31.21
CA ILE D 292 -2.41 28.63 29.79
C ILE D 292 -1.43 29.39 28.88
N LYS D 293 -1.18 30.70 29.14
CA LYS D 293 -0.21 31.47 28.34
C LYS D 293 1.21 30.88 28.44
N LYS D 294 1.56 30.32 29.61
CA LYS D 294 2.86 29.66 29.82
C LYS D 294 2.89 28.37 29.01
N VAL D 295 1.78 27.56 29.07
CA VAL D 295 1.61 26.31 28.31
C VAL D 295 1.78 26.60 26.79
N GLN D 296 1.17 27.69 26.28
CA GLN D 296 1.31 28.10 24.88
C GLN D 296 2.77 28.41 24.55
N GLN D 297 3.43 29.21 25.43
CA GLN D 297 4.84 29.62 25.28
C GLN D 297 5.74 28.38 25.21
N LEU D 298 5.54 27.46 26.15
CA LEU D 298 6.31 26.22 26.18
C LEU D 298 6.10 25.35 24.93
N LEU D 299 4.84 25.25 24.43
CA LEU D 299 4.52 24.47 23.22
C LEU D 299 5.13 25.12 21.97
N GLN D 300 5.10 26.48 21.88
CA GLN D 300 5.68 27.23 20.77
C GLN D 300 7.20 27.03 20.73
N GLU D 301 7.84 26.99 21.92
CA GLU D 301 9.29 26.76 22.10
C GLU D 301 9.69 25.36 21.61
N MET D 302 8.79 24.38 21.82
CA MET D 302 8.90 22.97 21.46
C MET D 302 9.27 22.73 19.98
N THR D 303 8.76 23.60 19.06
CA THR D 303 8.99 23.51 17.62
C THR D 303 10.12 24.43 17.11
S SO4 E . 11.32 1.04 -0.23
O1 SO4 E . 11.24 2.53 -0.27
O2 SO4 E . 12.76 0.64 -0.35
O3 SO4 E . 10.53 0.46 -1.37
O4 SO4 E . 10.69 0.56 1.06
C13 ZVA F . 11.84 -5.93 5.22
C18 ZVA F . 8.24 -0.20 5.98
C17 ZVA F . 8.63 -1.74 5.92
C16 ZVA F . 10.16 -2.00 5.92
C15 ZVA F . 10.84 -4.22 6.82
C19 ZVA F . 6.75 0.08 6.11
C20 ZVA F . 8.79 0.53 4.76
C11 ZVA F . 10.16 -6.67 11.09
C12 ZVA F . 12.60 -7.14 10.62
F ZVA F . 8.13 -2.39 7.06
O1 ZVA F . 8.91 0.33 7.14
N6 ZVA F . 10.59 -3.39 5.74
O ZVA F . 10.64 -3.84 7.99
C14 ZVA F . 11.35 -5.60 6.54
C9 ZVA F . 11.48 -6.58 7.57
N4 ZVA F . 11.08 -6.26 8.85
C10 ZVA F . 11.18 -7.12 10.06
C8 ZVA F . 12.09 -7.86 7.25
N5 ZVA F . 12.41 -7.13 4.88
C7 ZVA F . 12.51 -8.08 5.91
N3 ZVA F . 13.03 -9.35 5.54
C5 ZVA F . 13.42 -10.44 6.32
N1 ZVA F . 13.61 -10.54 7.69
C2 ZVA F . 13.95 -11.77 8.16
N2 ZVA F . 12.99 -9.71 4.21
C6 ZVA F . 13.30 -11.02 4.13
C4 ZVA F . 13.57 -11.53 5.43
C3 ZVA F . 13.90 -12.78 5.94
C1 ZVA F . 14.08 -12.91 7.31
C ZVA F . 14.29 -14.16 7.85
N ZVA F . 14.46 -15.22 8.26
S SO4 G . 5.34 20.55 -22.25
O1 SO4 G . 5.77 20.48 -23.65
O2 SO4 G . 5.78 21.83 -21.67
O3 SO4 G . 5.96 19.45 -21.49
O4 SO4 G . 3.87 20.47 -22.16
S SO4 H . 9.37 5.64 3.25
O1 SO4 H . 10.00 4.33 3.54
O2 SO4 H . 10.33 6.72 3.56
O3 SO4 H . 9.00 5.68 1.82
O4 SO4 H . 8.15 5.81 4.09
C13 ZVA I . 7.83 11.85 -2.36
C18 ZVA I . 8.18 5.32 -3.58
C17 ZVA I . 7.79 6.83 -3.45
C16 ZVA I . 8.92 7.82 -3.12
C15 ZVA I . 8.61 10.16 -3.99
C19 ZVA I . 7.01 4.50 -4.10
C20 ZVA I . 8.71 4.73 -2.28
C11 ZVA I . 8.04 11.99 -8.47
C12 ZVA I . 9.26 13.88 -7.39
F ZVA I . 7.19 7.23 -4.66
O1 ZVA I . 9.25 5.25 -4.54
N6 ZVA I . 8.40 9.18 -3.01
O ZVA I . 9.23 9.94 -5.03
C14 ZVA I . 8.07 11.49 -3.71
C9 ZVA I . 7.82 12.48 -4.76
N4 ZVA I . 8.11 12.13 -6.07
C10 ZVA I . 8.07 12.96 -7.31
C8 ZVA I . 7.35 13.80 -4.36
N5 ZVA I . 7.39 13.07 -1.98
C7 ZVA I . 7.16 14.03 -2.98
N3 ZVA I . 6.76 15.33 -2.48
C5 ZVA I . 6.66 16.53 -3.20
N1 ZVA I . 7.15 16.83 -4.46
C2 ZVA I . 6.79 18.01 -4.94
N2 ZVA I . 6.12 15.48 -1.22
C6 ZVA I . 5.60 16.73 -1.16
C4 ZVA I . 5.88 17.43 -2.40
C3 ZVA I . 5.53 18.64 -2.95
C1 ZVA I . 5.99 18.91 -4.24
C ZVA I . 5.70 20.11 -4.85
N ZVA I . 5.47 21.11 -5.36
S SO4 J . 24.08 -9.88 -39.11
O1 SO4 J . 23.88 -9.35 -40.46
O2 SO4 J . 25.49 -9.69 -38.66
O3 SO4 J . 23.81 -11.31 -39.12
O4 SO4 J . 23.15 -9.17 -38.20
S SO4 K . 1.54 -13.21 -36.14
O1 SO4 K . 1.73 -14.51 -36.78
O2 SO4 K . 2.83 -12.64 -35.74
O3 SO4 K . 0.90 -12.30 -37.09
O4 SO4 K . 0.67 -13.37 -34.97
S SO4 L . 24.14 1.23 -12.19
O1 SO4 L . 24.82 2.06 -13.21
O2 SO4 L . 24.55 1.62 -10.86
O3 SO4 L . 24.53 -0.20 -12.38
O4 SO4 L . 22.67 1.45 -12.34
C13 ZVA M . -2.11 -21.03 -15.96
C18 ZVA M . -2.86 -15.42 -12.37
C17 ZVA M . -2.32 -16.58 -13.33
C16 ZVA M . -3.33 -17.67 -13.68
C15 ZVA M . -2.99 -18.71 -15.89
C19 ZVA M . -1.82 -14.32 -12.18
C20 ZVA M . -3.28 -16.00 -11.03
C11 ZVA M . -2.28 -16.99 -20.46
C12 ZVA M . -3.56 -19.07 -21.03
F ZVA M . -1.96 -16.01 -14.54
O1 ZVA M . -4.03 -14.83 -12.99
N6 ZVA M . -2.80 -18.74 -14.51
O ZVA M . -3.55 -17.75 -16.45
C14 ZVA M . -2.44 -19.86 -16.65
C9 ZVA M . -2.27 -19.84 -18.07
N4 ZVA M . -2.61 -18.70 -18.77
C10 ZVA M . -2.42 -18.49 -20.23
C8 ZVA M . -1.75 -21.04 -18.70
N5 ZVA M . -1.62 -22.16 -16.52
C7 ZVA M . -1.45 -22.15 -17.89
N3 ZVA M . -0.99 -23.41 -18.46
C5 ZVA M . -0.94 -23.80 -19.82
N1 ZVA M . -1.53 -23.19 -20.93
C2 ZVA M . -1.23 -23.77 -22.09
N2 ZVA M . -0.28 -24.34 -17.70
C6 ZVA M . 0.22 -25.27 -18.53
C4 ZVA M . -0.13 -25.00 -19.87
C3 ZVA M . 0.18 -25.57 -21.11
C1 ZVA M . -0.37 -24.93 -22.22
C ZVA M . 0.05 -25.28 -23.51
N ZVA M . 0.40 -25.54 -24.56
S SO4 N . -16.16 8.49 34.16
O1 SO4 N . -14.90 8.06 33.52
O2 SO4 N . -16.04 9.89 34.59
O3 SO4 N . -17.27 8.36 33.21
O4 SO4 N . -16.42 7.65 35.34
S SO4 O . 15.95 10.32 18.33
O1 SO4 O . 15.58 9.64 17.07
O2 SO4 O . 17.34 10.91 18.23
O3 SO4 O . 15.91 9.35 19.40
O4 SO4 O . 14.99 11.34 18.62
C13 ZVA P . -17.71 14.84 12.81
C18 ZVA P . -14.23 10.11 9.56
C17 ZVA P . -14.69 11.24 10.58
C16 ZVA P . -16.22 11.57 10.55
C15 ZVA P . -17.04 12.48 12.72
C19 ZVA P . -12.72 10.08 9.45
C20 ZVA P . -14.87 10.29 8.19
C11 ZVA P . -16.40 11.51 17.65
C12 ZVA P . -18.82 12.20 17.60
F ZVA P . -14.30 10.87 11.88
O1 ZVA P . -14.63 8.84 10.08
N6 ZVA P . -16.60 12.74 11.41
O ZVA P . -17.04 11.32 13.19
C14 ZVA P . -17.43 13.67 13.51
C9 ZVA P . -17.55 13.68 14.94
N4 ZVA P . -17.29 12.56 15.70
C10 ZVA P . -17.41 12.52 17.16
C8 ZVA P . -17.94 14.92 15.58
N5 ZVA P . -18.07 16.02 13.37
C7 ZVA P . -18.18 16.03 14.77
N3 ZVA P . -18.66 17.27 15.32
C5 ZVA P . -19.14 17.56 16.58
N1 ZVA P . -19.46 16.68 17.61
C2 ZVA P . -19.88 17.28 18.73
N2 ZVA P . -18.53 18.45 14.60
C6 ZVA P . -18.88 19.45 15.39
C4 ZVA P . -19.26 18.97 16.66
C3 ZVA P . -19.68 19.56 17.84
C1 ZVA P . -19.99 18.68 18.88
C ZVA P . -20.40 19.16 20.10
N ZVA P . -20.73 19.55 21.12
#